data_2VGH
# 
_entry.id   2VGH 
# 
_audit_conform.dict_name       mmcif_pdbx.dic 
_audit_conform.dict_version    5.399 
_audit_conform.dict_location   http://mmcif.pdb.org/dictionaries/ascii/mmcif_pdbx.dic 
# 
loop_
_database_2.database_id 
_database_2.database_code 
_database_2.pdbx_database_accession 
_database_2.pdbx_DOI 
PDB   2VGH         pdb_00002vgh 10.2210/pdb2vgh/pdb 
WWPDB D_1000178731 ?            ?                   
# 
loop_
_pdbx_audit_revision_history.ordinal 
_pdbx_audit_revision_history.data_content_type 
_pdbx_audit_revision_history.major_revision 
_pdbx_audit_revision_history.minor_revision 
_pdbx_audit_revision_history.revision_date 
1 'Structure model' 1 0 1998-04-08 
2 'Structure model' 1 1 2008-03-25 
3 'Structure model' 1 2 2011-07-13 
4 'Structure model' 1 3 2022-03-16 
5 'Structure model' 1 4 2024-11-20 
# 
_pdbx_audit_revision_details.ordinal             1 
_pdbx_audit_revision_details.revision_ordinal    1 
_pdbx_audit_revision_details.data_content_type   'Structure model' 
_pdbx_audit_revision_details.provider            repository 
_pdbx_audit_revision_details.type                'Initial release' 
_pdbx_audit_revision_details.description         ? 
_pdbx_audit_revision_details.details             ? 
# 
loop_
_pdbx_audit_revision_group.ordinal 
_pdbx_audit_revision_group.revision_ordinal 
_pdbx_audit_revision_group.data_content_type 
_pdbx_audit_revision_group.group 
1 2 'Structure model' 'Version format compliance' 
2 3 'Structure model' 'Version format compliance' 
3 4 'Structure model' 'Data collection'           
4 4 'Structure model' 'Database references'       
5 4 'Structure model' 'Derived calculations'      
6 4 'Structure model' Other                       
7 5 'Structure model' 'Data collection'           
8 5 'Structure model' 'Structure summary'         
# 
loop_
_pdbx_audit_revision_category.ordinal 
_pdbx_audit_revision_category.revision_ordinal 
_pdbx_audit_revision_category.data_content_type 
_pdbx_audit_revision_category.category 
1  4 'Structure model' database_2                
2  4 'Structure model' pdbx_database_status      
3  4 'Structure model' pdbx_nmr_software         
4  4 'Structure model' pdbx_struct_assembly      
5  4 'Structure model' pdbx_struct_oper_list     
6  4 'Structure model' struct_ref_seq_dif        
7  5 'Structure model' chem_comp_atom            
8  5 'Structure model' chem_comp_bond            
9  5 'Structure model' pdbx_entry_details        
10 5 'Structure model' pdbx_modification_feature 
# 
loop_
_pdbx_audit_revision_item.ordinal 
_pdbx_audit_revision_item.revision_ordinal 
_pdbx_audit_revision_item.data_content_type 
_pdbx_audit_revision_item.item 
1 4 'Structure model' '_database_2.pdbx_DOI'                
2 4 'Structure model' '_database_2.pdbx_database_accession' 
3 4 'Structure model' '_pdbx_database_status.process_site'  
4 4 'Structure model' '_pdbx_nmr_software.name'             
5 4 'Structure model' '_struct_ref_seq_dif.details'         
# 
_pdbx_database_status.status_code                     REL 
_pdbx_database_status.entry_id                        2VGH 
_pdbx_database_status.recvd_initial_deposition_date   1997-12-17 
_pdbx_database_status.deposit_site                    ? 
_pdbx_database_status.process_site                    BNL 
_pdbx_database_status.SG_entry                        . 
_pdbx_database_status.pdb_format_compatible           Y 
_pdbx_database_status.status_code_mr                  ? 
_pdbx_database_status.status_code_sf                  ? 
_pdbx_database_status.status_code_cs                  ? 
_pdbx_database_status.status_code_nmr_data            ? 
_pdbx_database_status.methods_development_category    ? 
# 
loop_
_audit_author.name 
_audit_author.pdbx_ordinal 
'Fairbrother, W.J.' 1 
'Champe, M.A.'      2 
'Christinger, H.W.' 3 
'Keyt, B.A.'        4 
'Starovasnik, M.A.' 5 
# 
_citation.id                        primary 
_citation.title                     'Solution structure of the heparin-binding domain of vascular endothelial growth factor.' 
_citation.journal_abbrev            Structure 
_citation.journal_volume            6 
_citation.page_first                637 
_citation.page_last                 648 
_citation.year                      1998 
_citation.journal_id_ASTM           STRUE6 
_citation.country                   UK 
_citation.journal_id_ISSN           0969-2126 
_citation.journal_id_CSD            2005 
_citation.book_publisher            ? 
_citation.pdbx_database_id_PubMed   9634701 
_citation.pdbx_database_id_DOI      '10.1016/S0969-2126(98)00065-3' 
# 
loop_
_citation_author.citation_id 
_citation_author.name 
_citation_author.ordinal 
_citation_author.identifier_ORCID 
primary 'Fairbrother, W.J.' 1 ? 
primary 'Champe, M.A.'      2 ? 
primary 'Christinger, H.W.' 3 ? 
primary 'Keyt, B.A.'        4 ? 
primary 'Starovasnik, M.A.' 5 ? 
# 
_entity.id                         1 
_entity.type                       polymer 
_entity.src_method                 man 
_entity.pdbx_description           'VASCULAR ENDOTHELIAL GROWTH FACTOR-165' 
_entity.formula_weight             6496.479 
_entity.pdbx_number_of_molecules   1 
_entity.pdbx_ec                    ? 
_entity.pdbx_mutation              ? 
_entity.pdbx_fragment              'HEPARIN-BINDING DOMAIN' 
_entity.details                    ? 
# 
_entity_name_com.entity_id   1 
_entity_name_com.name        VEGF-165 
# 
_entity_poly.entity_id                      1 
_entity_poly.type                           'polypeptide(L)' 
_entity_poly.nstd_linkage                   no 
_entity_poly.nstd_monomer                   no 
_entity_poly.pdbx_seq_one_letter_code       ARQENPCGPCSERRKHLFVQDPQTCKCSCKNTDSRCKARQLELNERTCRCDKPRR 
_entity_poly.pdbx_seq_one_letter_code_can   ARQENPCGPCSERRKHLFVQDPQTCKCSCKNTDSRCKARQLELNERTCRCDKPRR 
_entity_poly.pdbx_strand_id                 A 
_entity_poly.pdbx_target_identifier         ? 
# 
loop_
_entity_poly_seq.entity_id 
_entity_poly_seq.num 
_entity_poly_seq.mon_id 
_entity_poly_seq.hetero 
1 1  ALA n 
1 2  ARG n 
1 3  GLN n 
1 4  GLU n 
1 5  ASN n 
1 6  PRO n 
1 7  CYS n 
1 8  GLY n 
1 9  PRO n 
1 10 CYS n 
1 11 SER n 
1 12 GLU n 
1 13 ARG n 
1 14 ARG n 
1 15 LYS n 
1 16 HIS n 
1 17 LEU n 
1 18 PHE n 
1 19 VAL n 
1 20 GLN n 
1 21 ASP n 
1 22 PRO n 
1 23 GLN n 
1 24 THR n 
1 25 CYS n 
1 26 LYS n 
1 27 CYS n 
1 28 SER n 
1 29 CYS n 
1 30 LYS n 
1 31 ASN n 
1 32 THR n 
1 33 ASP n 
1 34 SER n 
1 35 ARG n 
1 36 CYS n 
1 37 LYS n 
1 38 ALA n 
1 39 ARG n 
1 40 GLN n 
1 41 LEU n 
1 42 GLU n 
1 43 LEU n 
1 44 ASN n 
1 45 GLU n 
1 46 ARG n 
1 47 THR n 
1 48 CYS n 
1 49 ARG n 
1 50 CYS n 
1 51 ASP n 
1 52 LYS n 
1 53 PRO n 
1 54 ARG n 
1 55 ARG n 
# 
_entity_src_gen.entity_id                          1 
_entity_src_gen.pdbx_src_id                        1 
_entity_src_gen.pdbx_alt_source_flag               sample 
_entity_src_gen.pdbx_seq_type                      ? 
_entity_src_gen.pdbx_beg_seq_num                   ? 
_entity_src_gen.pdbx_end_seq_num                   ? 
_entity_src_gen.gene_src_common_name               human 
_entity_src_gen.gene_src_genus                     Homo 
_entity_src_gen.pdbx_gene_src_gene                 ? 
_entity_src_gen.gene_src_species                   ? 
_entity_src_gen.gene_src_strain                    ? 
_entity_src_gen.gene_src_tissue                    ? 
_entity_src_gen.gene_src_tissue_fraction           ? 
_entity_src_gen.gene_src_details                   ? 
_entity_src_gen.pdbx_gene_src_fragment             ? 
_entity_src_gen.pdbx_gene_src_scientific_name      'Homo sapiens' 
_entity_src_gen.pdbx_gene_src_ncbi_taxonomy_id     9606 
_entity_src_gen.pdbx_gene_src_variant              ? 
_entity_src_gen.pdbx_gene_src_cell_line            ? 
_entity_src_gen.pdbx_gene_src_atcc                 ? 
_entity_src_gen.pdbx_gene_src_organ                ? 
_entity_src_gen.pdbx_gene_src_organelle            ? 
_entity_src_gen.pdbx_gene_src_cell                 ? 
_entity_src_gen.pdbx_gene_src_cellular_location    ? 
_entity_src_gen.host_org_common_name               ? 
_entity_src_gen.pdbx_host_org_scientific_name      'Escherichia coli' 
_entity_src_gen.pdbx_host_org_ncbi_taxonomy_id     562 
_entity_src_gen.host_org_genus                     Escherichia 
_entity_src_gen.pdbx_host_org_gene                 ? 
_entity_src_gen.pdbx_host_org_organ                ? 
_entity_src_gen.host_org_species                   ? 
_entity_src_gen.pdbx_host_org_tissue               ? 
_entity_src_gen.pdbx_host_org_tissue_fraction      ? 
_entity_src_gen.pdbx_host_org_strain               ? 
_entity_src_gen.pdbx_host_org_variant              ? 
_entity_src_gen.pdbx_host_org_cell_line            ? 
_entity_src_gen.pdbx_host_org_atcc                 ? 
_entity_src_gen.pdbx_host_org_culture_collection   ? 
_entity_src_gen.pdbx_host_org_cell                 ? 
_entity_src_gen.pdbx_host_org_organelle            ? 
_entity_src_gen.pdbx_host_org_cellular_location    ? 
_entity_src_gen.pdbx_host_org_vector_type          ? 
_entity_src_gen.pdbx_host_org_vector               ? 
_entity_src_gen.host_org_details                   ? 
_entity_src_gen.expression_system_id               ? 
_entity_src_gen.plasmid_name                       ? 
_entity_src_gen.plasmid_details                    ? 
_entity_src_gen.pdbx_description                   ? 
# 
loop_
_chem_comp.id 
_chem_comp.type 
_chem_comp.mon_nstd_flag 
_chem_comp.name 
_chem_comp.pdbx_synonyms 
_chem_comp.formula 
_chem_comp.formula_weight 
ALA 'L-peptide linking' y ALANINE         ? 'C3 H7 N O2'     89.093  
ARG 'L-peptide linking' y ARGININE        ? 'C6 H15 N4 O2 1' 175.209 
ASN 'L-peptide linking' y ASPARAGINE      ? 'C4 H8 N2 O3'    132.118 
ASP 'L-peptide linking' y 'ASPARTIC ACID' ? 'C4 H7 N O4'     133.103 
CYS 'L-peptide linking' y CYSTEINE        ? 'C3 H7 N O2 S'   121.158 
GLN 'L-peptide linking' y GLUTAMINE       ? 'C5 H10 N2 O3'   146.144 
GLU 'L-peptide linking' y 'GLUTAMIC ACID' ? 'C5 H9 N O4'     147.129 
GLY 'peptide linking'   y GLYCINE         ? 'C2 H5 N O2'     75.067  
HIS 'L-peptide linking' y HISTIDINE       ? 'C6 H10 N3 O2 1' 156.162 
LEU 'L-peptide linking' y LEUCINE         ? 'C6 H13 N O2'    131.173 
LYS 'L-peptide linking' y LYSINE          ? 'C6 H15 N2 O2 1' 147.195 
PHE 'L-peptide linking' y PHENYLALANINE   ? 'C9 H11 N O2'    165.189 
PRO 'L-peptide linking' y PROLINE         ? 'C5 H9 N O2'     115.130 
SER 'L-peptide linking' y SERINE          ? 'C3 H7 N O3'     105.093 
THR 'L-peptide linking' y THREONINE       ? 'C4 H9 N O3'     119.119 
TRP 'L-peptide linking' y TRYPTOPHAN      ? 'C11 H12 N2 O2'  204.225 
TYR 'L-peptide linking' y TYROSINE        ? 'C9 H11 N O3'    181.189 
VAL 'L-peptide linking' y VALINE          ? 'C5 H11 N O2'    117.146 
# 
loop_
_pdbx_poly_seq_scheme.asym_id 
_pdbx_poly_seq_scheme.entity_id 
_pdbx_poly_seq_scheme.seq_id 
_pdbx_poly_seq_scheme.mon_id 
_pdbx_poly_seq_scheme.ndb_seq_num 
_pdbx_poly_seq_scheme.pdb_seq_num 
_pdbx_poly_seq_scheme.auth_seq_num 
_pdbx_poly_seq_scheme.pdb_mon_id 
_pdbx_poly_seq_scheme.auth_mon_id 
_pdbx_poly_seq_scheme.pdb_strand_id 
_pdbx_poly_seq_scheme.pdb_ins_code 
_pdbx_poly_seq_scheme.hetero 
A 1 1  ALA 1  1  1  ALA ALA A . n 
A 1 2  ARG 2  2  2  ARG ARG A . n 
A 1 3  GLN 3  3  3  GLN GLN A . n 
A 1 4  GLU 4  4  4  GLU GLU A . n 
A 1 5  ASN 5  5  5  ASN ASN A . n 
A 1 6  PRO 6  6  6  PRO PRO A . n 
A 1 7  CYS 7  7  7  CYS CYS A . n 
A 1 8  GLY 8  8  8  GLY GLY A . n 
A 1 9  PRO 9  9  9  PRO PRO A . n 
A 1 10 CYS 10 10 10 CYS CYS A . n 
A 1 11 SER 11 11 11 SER SER A . n 
A 1 12 GLU 12 12 12 GLU GLU A . n 
A 1 13 ARG 13 13 13 ARG ARG A . n 
A 1 14 ARG 14 14 14 ARG ARG A . n 
A 1 15 LYS 15 15 15 LYS LYS A . n 
A 1 16 HIS 16 16 16 HIS HIS A . n 
A 1 17 LEU 17 17 17 LEU LEU A . n 
A 1 18 PHE 18 18 18 PHE PHE A . n 
A 1 19 VAL 19 19 19 VAL VAL A . n 
A 1 20 GLN 20 20 20 GLN GLN A . n 
A 1 21 ASP 21 21 21 ASP ASP A . n 
A 1 22 PRO 22 22 22 PRO PRO A . n 
A 1 23 GLN 23 23 23 GLN GLN A . n 
A 1 24 THR 24 24 24 THR THR A . n 
A 1 25 CYS 25 25 25 CYS CYS A . n 
A 1 26 LYS 26 26 26 LYS LYS A . n 
A 1 27 CYS 27 27 27 CYS CYS A . n 
A 1 28 SER 28 28 28 SER SER A . n 
A 1 29 CYS 29 29 29 CYS CYS A . n 
A 1 30 LYS 30 30 30 LYS LYS A . n 
A 1 31 ASN 31 31 31 ASN ASN A . n 
A 1 32 THR 32 32 32 THR THR A . n 
A 1 33 ASP 33 33 33 ASP ASP A . n 
A 1 34 SER 34 34 34 SER SER A . n 
A 1 35 ARG 35 35 35 ARG ARG A . n 
A 1 36 CYS 36 36 36 CYS CYS A . n 
A 1 37 LYS 37 37 37 LYS LYS A . n 
A 1 38 ALA 38 38 38 ALA ALA A . n 
A 1 39 ARG 39 39 39 ARG ARG A . n 
A 1 40 GLN 40 40 40 GLN GLN A . n 
A 1 41 LEU 41 41 41 LEU LEU A . n 
A 1 42 GLU 42 42 42 GLU GLU A . n 
A 1 43 LEU 43 43 43 LEU LEU A . n 
A 1 44 ASN 44 44 44 ASN ASN A . n 
A 1 45 GLU 45 45 45 GLU GLU A . n 
A 1 46 ARG 46 46 46 ARG ARG A . n 
A 1 47 THR 47 47 47 THR THR A . n 
A 1 48 CYS 48 48 48 CYS CYS A . n 
A 1 49 ARG 49 49 49 ARG ARG A . n 
A 1 50 CYS 50 50 50 CYS CYS A . n 
A 1 51 ASP 51 51 51 ASP ASP A . n 
A 1 52 LYS 52 52 52 LYS LYS A . n 
A 1 53 PRO 53 53 53 PRO PRO A . n 
A 1 54 ARG 54 54 54 ARG ARG A . n 
A 1 55 ARG 55 55 55 ARG ARG A . n 
# 
_cell.entry_id           2VGH 
_cell.length_a           1.000 
_cell.length_b           1.000 
_cell.length_c           1.000 
_cell.angle_alpha        90.00 
_cell.angle_beta         90.00 
_cell.angle_gamma        90.00 
_cell.Z_PDB              1 
_cell.pdbx_unique_axis   ? 
# 
_symmetry.entry_id                         2VGH 
_symmetry.space_group_name_H-M             'P 1' 
_symmetry.pdbx_full_space_group_name_H-M   ? 
_symmetry.cell_setting                     ? 
_symmetry.Int_Tables_number                1 
# 
_exptl.entry_id          2VGH 
_exptl.method            'SOLUTION NMR' 
_exptl.crystals_number   ? 
# 
_struct.entry_id                  2VGH 
_struct.title                     
'HEPARIN-BINDING DOMAIN FROM VASCULAR ENDOTHELIAL GROWTH FACTOR, NMR, MINIMIZED AVERAGE STRUCTURE' 
_struct.pdbx_model_details        ? 
_struct.pdbx_CASP_flag            ? 
_struct.pdbx_model_type_details   ? 
# 
_struct_keywords.entry_id        2VGH 
_struct_keywords.pdbx_keywords   'GROWTH FACTOR' 
_struct_keywords.text            'GROWTH FACTOR, HEPARIN-BINDING, ANGIOGENESIS' 
# 
_struct_asym.id                            A 
_struct_asym.pdbx_blank_PDB_chainid_flag   Y 
_struct_asym.pdbx_modified                 N 
_struct_asym.entity_id                     1 
_struct_asym.details                       ? 
# 
_struct_ref.id                         1 
_struct_ref.db_name                    UNP 
_struct_ref.db_code                    VEGFA_HUMAN 
_struct_ref.entity_id                  1 
_struct_ref.pdbx_db_accession          P15692 
_struct_ref.pdbx_align_begin           1 
_struct_ref.pdbx_seq_one_letter_code   
;MNFLLSWVHWSLALLLYLHHAKWSQAAPMAEGGGQNHHEVVKFMDVYQRSYCHPIETLVDIFQEYPDEIEYIFKPSCVPL
MRCGGCCNDEGLECVPTEESNITMQIMRIKPHQGQHIGEMSFLQHNKCECRPKKDRARQEKKSVRGKGKGQKRKRKKSRY
KSWSVPCGPCSERRKHLFVQDPQTCKCSCKNTDSRCKARQLELNERTCRCDKPRR
;
_struct_ref.pdbx_db_isoform            ? 
# 
_struct_ref_seq.align_id                      1 
_struct_ref_seq.ref_id                        1 
_struct_ref_seq.pdbx_PDB_id_code              2VGH 
_struct_ref_seq.pdbx_strand_id                A 
_struct_ref_seq.seq_align_beg                 1 
_struct_ref_seq.pdbx_seq_align_beg_ins_code   ? 
_struct_ref_seq.seq_align_end                 55 
_struct_ref_seq.pdbx_seq_align_end_ins_code   ? 
_struct_ref_seq.pdbx_db_accession             P15692 
_struct_ref_seq.db_align_beg                  137 
_struct_ref_seq.pdbx_db_align_beg_ins_code    ? 
_struct_ref_seq.db_align_end                  215 
_struct_ref_seq.pdbx_db_align_end_ins_code    ? 
_struct_ref_seq.pdbx_auth_seq_align_beg       1 
_struct_ref_seq.pdbx_auth_seq_align_end       55 
# 
loop_
_struct_ref_seq_dif.align_id 
_struct_ref_seq_dif.pdbx_pdb_id_code 
_struct_ref_seq_dif.mon_id 
_struct_ref_seq_dif.pdbx_pdb_strand_id 
_struct_ref_seq_dif.seq_num 
_struct_ref_seq_dif.pdbx_pdb_ins_code 
_struct_ref_seq_dif.pdbx_seq_db_name 
_struct_ref_seq_dif.pdbx_seq_db_accession_code 
_struct_ref_seq_dif.db_mon_id 
_struct_ref_seq_dif.pdbx_seq_db_seq_num 
_struct_ref_seq_dif.details 
_struct_ref_seq_dif.pdbx_auth_seq_num 
_struct_ref_seq_dif.pdbx_ordinal 
1 2VGH ?   A ? ? UNP P15692 LYS 141 deletion ? 1  
1 2VGH ?   A ? ? UNP P15692 LYS 142 deletion ? 2  
1 2VGH ?   A ? ? UNP P15692 SER 143 deletion ? 3  
1 2VGH ?   A ? ? UNP P15692 VAL 144 deletion ? 4  
1 2VGH ?   A ? ? UNP P15692 ARG 145 deletion ? 5  
1 2VGH ?   A ? ? UNP P15692 GLY 146 deletion ? 6  
1 2VGH ?   A ? ? UNP P15692 LYS 147 deletion ? 7  
1 2VGH ?   A ? ? UNP P15692 GLY 148 deletion ? 8  
1 2VGH ?   A ? ? UNP P15692 LYS 149 deletion ? 9  
1 2VGH ?   A ? ? UNP P15692 GLY 150 deletion ? 10 
1 2VGH ?   A ? ? UNP P15692 GLN 151 deletion ? 11 
1 2VGH ?   A ? ? UNP P15692 LYS 152 deletion ? 12 
1 2VGH ?   A ? ? UNP P15692 ARG 153 deletion ? 13 
1 2VGH ?   A ? ? UNP P15692 LYS 154 deletion ? 14 
1 2VGH ?   A ? ? UNP P15692 ARG 155 deletion ? 15 
1 2VGH ?   A ? ? UNP P15692 LYS 156 deletion ? 16 
1 2VGH ?   A ? ? UNP P15692 LYS 157 deletion ? 17 
1 2VGH ?   A ? ? UNP P15692 SER 158 deletion ? 18 
1 2VGH ?   A ? ? UNP P15692 ARG 159 deletion ? 19 
1 2VGH ?   A ? ? UNP P15692 TYR 160 deletion ? 20 
1 2VGH ?   A ? ? UNP P15692 LYS 161 deletion ? 21 
1 2VGH ?   A ? ? UNP P15692 SER 162 deletion ? 22 
1 2VGH ?   A ? ? UNP P15692 TRP 163 deletion ? 23 
1 2VGH ?   A ? ? UNP P15692 SER 164 deletion ? 24 
1 2VGH ASN A 5 ? UNP P15692 VAL 165 variant  5 25 
# 
_pdbx_struct_assembly.id                   1 
_pdbx_struct_assembly.details              author_defined_assembly 
_pdbx_struct_assembly.method_details       ? 
_pdbx_struct_assembly.oligomeric_details   monomeric 
_pdbx_struct_assembly.oligomeric_count     1 
# 
_pdbx_struct_assembly_gen.assembly_id       1 
_pdbx_struct_assembly_gen.oper_expression   1 
_pdbx_struct_assembly_gen.asym_id_list      A 
# 
_pdbx_struct_oper_list.id                   1 
_pdbx_struct_oper_list.type                 'identity operation' 
_pdbx_struct_oper_list.name                 1_555 
_pdbx_struct_oper_list.symmetry_operation   x,y,z 
_pdbx_struct_oper_list.matrix[1][1]         1.0000000000 
_pdbx_struct_oper_list.matrix[1][2]         0.0000000000 
_pdbx_struct_oper_list.matrix[1][3]         0.0000000000 
_pdbx_struct_oper_list.vector[1]            0.0000000000 
_pdbx_struct_oper_list.matrix[2][1]         0.0000000000 
_pdbx_struct_oper_list.matrix[2][2]         1.0000000000 
_pdbx_struct_oper_list.matrix[2][3]         0.0000000000 
_pdbx_struct_oper_list.vector[2]            0.0000000000 
_pdbx_struct_oper_list.matrix[3][1]         0.0000000000 
_pdbx_struct_oper_list.matrix[3][2]         0.0000000000 
_pdbx_struct_oper_list.matrix[3][3]         1.0000000000 
_pdbx_struct_oper_list.vector[3]            0.0000000000 
# 
_struct_biol.id   1 
# 
_struct_conf.conf_type_id            HELX_P 
_struct_conf.id                      HELX_P1 
_struct_conf.pdbx_PDB_helix_id       1 
_struct_conf.beg_label_comp_id       ASP 
_struct_conf.beg_label_asym_id       A 
_struct_conf.beg_label_seq_id        33 
_struct_conf.pdbx_beg_PDB_ins_code   ? 
_struct_conf.end_label_comp_id       ALA 
_struct_conf.end_label_asym_id       A 
_struct_conf.end_label_seq_id        38 
_struct_conf.pdbx_end_PDB_ins_code   ? 
_struct_conf.beg_auth_comp_id        ASP 
_struct_conf.beg_auth_asym_id        A 
_struct_conf.beg_auth_seq_id         33 
_struct_conf.end_auth_comp_id        ALA 
_struct_conf.end_auth_asym_id        A 
_struct_conf.end_auth_seq_id         38 
_struct_conf.pdbx_PDB_helix_class    1 
_struct_conf.details                 ? 
_struct_conf.pdbx_PDB_helix_length   6 
# 
_struct_conf_type.id          HELX_P 
_struct_conf_type.criteria    ? 
_struct_conf_type.reference   ? 
# 
loop_
_struct_conn.id 
_struct_conn.conn_type_id 
_struct_conn.pdbx_leaving_atom_flag 
_struct_conn.pdbx_PDB_id 
_struct_conn.ptnr1_label_asym_id 
_struct_conn.ptnr1_label_comp_id 
_struct_conn.ptnr1_label_seq_id 
_struct_conn.ptnr1_label_atom_id 
_struct_conn.pdbx_ptnr1_label_alt_id 
_struct_conn.pdbx_ptnr1_PDB_ins_code 
_struct_conn.pdbx_ptnr1_standard_comp_id 
_struct_conn.ptnr1_symmetry 
_struct_conn.ptnr2_label_asym_id 
_struct_conn.ptnr2_label_comp_id 
_struct_conn.ptnr2_label_seq_id 
_struct_conn.ptnr2_label_atom_id 
_struct_conn.pdbx_ptnr2_label_alt_id 
_struct_conn.pdbx_ptnr2_PDB_ins_code 
_struct_conn.ptnr1_auth_asym_id 
_struct_conn.ptnr1_auth_comp_id 
_struct_conn.ptnr1_auth_seq_id 
_struct_conn.ptnr2_auth_asym_id 
_struct_conn.ptnr2_auth_comp_id 
_struct_conn.ptnr2_auth_seq_id 
_struct_conn.ptnr2_symmetry 
_struct_conn.pdbx_ptnr3_label_atom_id 
_struct_conn.pdbx_ptnr3_label_seq_id 
_struct_conn.pdbx_ptnr3_label_comp_id 
_struct_conn.pdbx_ptnr3_label_asym_id 
_struct_conn.pdbx_ptnr3_label_alt_id 
_struct_conn.pdbx_ptnr3_PDB_ins_code 
_struct_conn.details 
_struct_conn.pdbx_dist_value 
_struct_conn.pdbx_value_order 
_struct_conn.pdbx_role 
disulf1 disulf ? ? A CYS 7  SG ? ? ? 1_555 A CYS 25 SG ? ? A CYS 7  A CYS 25 1_555 ? ? ? ? ? ? ? 2.045 ? ? 
disulf2 disulf ? ? A CYS 10 SG ? ? ? 1_555 A CYS 27 SG ? ? A CYS 10 A CYS 27 1_555 ? ? ? ? ? ? ? 2.050 ? ? 
disulf3 disulf ? ? A CYS 29 SG ? ? ? 1_555 A CYS 48 SG ? ? A CYS 29 A CYS 48 1_555 ? ? ? ? ? ? ? 2.038 ? ? 
disulf4 disulf ? ? A CYS 36 SG ? ? ? 1_555 A CYS 50 SG ? ? A CYS 36 A CYS 50 1_555 ? ? ? ? ? ? ? 2.051 ? ? 
# 
_struct_conn_type.id          disulf 
_struct_conn_type.criteria    ? 
_struct_conn_type.reference   ? 
# 
loop_
_pdbx_modification_feature.ordinal 
_pdbx_modification_feature.label_comp_id 
_pdbx_modification_feature.label_asym_id 
_pdbx_modification_feature.label_seq_id 
_pdbx_modification_feature.label_alt_id 
_pdbx_modification_feature.modified_residue_label_comp_id 
_pdbx_modification_feature.modified_residue_label_asym_id 
_pdbx_modification_feature.modified_residue_label_seq_id 
_pdbx_modification_feature.modified_residue_label_alt_id 
_pdbx_modification_feature.auth_comp_id 
_pdbx_modification_feature.auth_asym_id 
_pdbx_modification_feature.auth_seq_id 
_pdbx_modification_feature.PDB_ins_code 
_pdbx_modification_feature.symmetry 
_pdbx_modification_feature.modified_residue_auth_comp_id 
_pdbx_modification_feature.modified_residue_auth_asym_id 
_pdbx_modification_feature.modified_residue_auth_seq_id 
_pdbx_modification_feature.modified_residue_PDB_ins_code 
_pdbx_modification_feature.modified_residue_symmetry 
_pdbx_modification_feature.comp_id_linking_atom 
_pdbx_modification_feature.modified_residue_id_linking_atom 
_pdbx_modification_feature.modified_residue_id 
_pdbx_modification_feature.ref_pcm_id 
_pdbx_modification_feature.ref_comp_id 
_pdbx_modification_feature.type 
_pdbx_modification_feature.category 
1 CYS A 7  ? CYS A 25 ? CYS A 7  ? 1_555 CYS A 25 ? 1_555 SG SG . . . None 'Disulfide bridge' 
2 CYS A 10 ? CYS A 27 ? CYS A 10 ? 1_555 CYS A 27 ? 1_555 SG SG . . . None 'Disulfide bridge' 
3 CYS A 29 ? CYS A 48 ? CYS A 29 ? 1_555 CYS A 48 ? 1_555 SG SG . . . None 'Disulfide bridge' 
4 CYS A 36 ? CYS A 50 ? CYS A 36 ? 1_555 CYS A 50 ? 1_555 SG SG . . . None 'Disulfide bridge' 
# 
loop_
_struct_sheet.id 
_struct_sheet.type 
_struct_sheet.number_strands 
_struct_sheet.details 
A ? 2 ? 
B ? 2 ? 
# 
loop_
_struct_sheet_order.sheet_id 
_struct_sheet_order.range_id_1 
_struct_sheet_order.range_id_2 
_struct_sheet_order.offset 
_struct_sheet_order.sense 
A 1 2 ? anti-parallel 
B 1 2 ? anti-parallel 
# 
loop_
_struct_sheet_range.sheet_id 
_struct_sheet_range.id 
_struct_sheet_range.beg_label_comp_id 
_struct_sheet_range.beg_label_asym_id 
_struct_sheet_range.beg_label_seq_id 
_struct_sheet_range.pdbx_beg_PDB_ins_code 
_struct_sheet_range.end_label_comp_id 
_struct_sheet_range.end_label_asym_id 
_struct_sheet_range.end_label_seq_id 
_struct_sheet_range.pdbx_end_PDB_ins_code 
_struct_sheet_range.beg_auth_comp_id 
_struct_sheet_range.beg_auth_asym_id 
_struct_sheet_range.beg_auth_seq_id 
_struct_sheet_range.end_auth_comp_id 
_struct_sheet_range.end_auth_asym_id 
_struct_sheet_range.end_auth_seq_id 
A 1 PHE A 18 ? GLN A 20 ? PHE A 18 GLN A 20 
A 2 CYS A 27 ? CYS A 29 ? CYS A 27 CYS A 29 
B 1 GLU A 42 ? ASN A 44 ? GLU A 42 ASN A 44 
B 2 ARG A 49 ? ASP A 51 ? ARG A 49 ASP A 51 
# 
loop_
_pdbx_struct_sheet_hbond.sheet_id 
_pdbx_struct_sheet_hbond.range_id_1 
_pdbx_struct_sheet_hbond.range_id_2 
_pdbx_struct_sheet_hbond.range_1_label_atom_id 
_pdbx_struct_sheet_hbond.range_1_label_comp_id 
_pdbx_struct_sheet_hbond.range_1_label_asym_id 
_pdbx_struct_sheet_hbond.range_1_label_seq_id 
_pdbx_struct_sheet_hbond.range_1_PDB_ins_code 
_pdbx_struct_sheet_hbond.range_1_auth_atom_id 
_pdbx_struct_sheet_hbond.range_1_auth_comp_id 
_pdbx_struct_sheet_hbond.range_1_auth_asym_id 
_pdbx_struct_sheet_hbond.range_1_auth_seq_id 
_pdbx_struct_sheet_hbond.range_2_label_atom_id 
_pdbx_struct_sheet_hbond.range_2_label_comp_id 
_pdbx_struct_sheet_hbond.range_2_label_asym_id 
_pdbx_struct_sheet_hbond.range_2_label_seq_id 
_pdbx_struct_sheet_hbond.range_2_PDB_ins_code 
_pdbx_struct_sheet_hbond.range_2_auth_atom_id 
_pdbx_struct_sheet_hbond.range_2_auth_comp_id 
_pdbx_struct_sheet_hbond.range_2_auth_asym_id 
_pdbx_struct_sheet_hbond.range_2_auth_seq_id 
A 1 2 O VAL A 19 ? O VAL A 19 N SER A 28 ? N SER A 28 
B 1 2 O GLU A 42 ? O GLU A 42 N ASP A 51 ? N ASP A 51 
# 
_pdbx_entry_details.entry_id                   2VGH 
_pdbx_entry_details.compound_details           ? 
_pdbx_entry_details.source_details             ? 
_pdbx_entry_details.nonpolymer_details         ? 
_pdbx_entry_details.sequence_details           ? 
_pdbx_entry_details.has_ligand_of_interest     ? 
_pdbx_entry_details.has_protein_modification   Y 
# 
loop_
_pdbx_validate_torsion.id 
_pdbx_validate_torsion.PDB_model_num 
_pdbx_validate_torsion.auth_comp_id 
_pdbx_validate_torsion.auth_asym_id 
_pdbx_validate_torsion.auth_seq_id 
_pdbx_validate_torsion.PDB_ins_code 
_pdbx_validate_torsion.label_alt_id 
_pdbx_validate_torsion.phi 
_pdbx_validate_torsion.psi 
1  1 ARG A 2  ? ? 76.01   141.98 
2  1 GLU A 4  ? ? 64.55   178.51 
3  1 ASN A 5  ? ? -150.50 84.58  
4  1 GLU A 12 ? ? -61.24  -78.01 
5  1 ARG A 13 ? ? -137.08 -59.87 
6  1 LYS A 15 ? ? -84.08  41.80  
7  1 LEU A 17 ? ? -94.91  40.98  
8  1 PRO A 22 ? ? -83.35  44.80  
9  1 GLN A 23 ? ? -143.19 -54.66 
10 1 PRO A 53 ? ? -67.77  -73.45 
11 1 ARG A 54 ? ? -154.04 67.38  
# 
_pdbx_nmr_ensemble.entry_id                             2VGH 
_pdbx_nmr_ensemble.conformers_calculated_total_number   50 
_pdbx_nmr_ensemble.conformers_submitted_total_number    1 
_pdbx_nmr_ensemble.conformer_selection_criteria         'MINIMIZED MEAN STRUCTURE' 
# 
_pdbx_nmr_exptl_sample_conditions.conditions_id       1 
_pdbx_nmr_exptl_sample_conditions.temperature         300 
_pdbx_nmr_exptl_sample_conditions.pressure            ? 
_pdbx_nmr_exptl_sample_conditions.pH                  5.5 
_pdbx_nmr_exptl_sample_conditions.ionic_strength      ? 
_pdbx_nmr_exptl_sample_conditions.pressure_units      ? 
_pdbx_nmr_exptl_sample_conditions.temperature_units   K 
# 
loop_
_pdbx_nmr_exptl.experiment_id 
_pdbx_nmr_exptl.conditions_id 
_pdbx_nmr_exptl.type 
_pdbx_nmr_exptl.solution_id 
1  1 2QF-COSY                       1 
2  1 2Q                             1 
3  1 'TOCSY (70 AND 100 MS)'        1 
4  1 'NOESY(50'                     1 
5  1 100                            1 
6  1 'AND 200 MS)'                  1 
7  1 15N-HSQC                       1 
8  1 '15N-TOCSY-HSQC(30 AND 70 MS)' 1 
9  1 '15N-NOESY-HSQC(120 MS)'       1 
10 1 '15N-ROESY-HSQC(40 MS)'        1 
11 1 HNHA                           1 
12 1 HNHB                           1 
# 
_pdbx_nmr_refine.entry_id           2VGH 
_pdbx_nmr_refine.method             'DISTANCE GEOMETRY/ SIMULATED ANNEALING/RESTRAINED MOLECULAR DYNAMICS' 
_pdbx_nmr_refine.details            'REFINEMENT DETAILS CAN BE FOUND IN THE JRNL CITATION ABOVE.' 
_pdbx_nmr_refine.software_ordinal   1 
# 
loop_
_pdbx_nmr_software.classification 
_pdbx_nmr_software.name 
_pdbx_nmr_software.version 
_pdbx_nmr_software.authors 
_pdbx_nmr_software.ordinal 
refinement           Discover ? 'MOLECULAR SIMULATIONS INC.' 1 
'structure solution' DGII     ? ?                            2 
'structure solution' Discover ? ?                            3 
# 
loop_
_chem_comp_atom.comp_id 
_chem_comp_atom.atom_id 
_chem_comp_atom.type_symbol 
_chem_comp_atom.pdbx_aromatic_flag 
_chem_comp_atom.pdbx_stereo_config 
_chem_comp_atom.pdbx_ordinal 
ALA N    N N N 1   
ALA CA   C N S 2   
ALA C    C N N 3   
ALA O    O N N 4   
ALA CB   C N N 5   
ALA OXT  O N N 6   
ALA H    H N N 7   
ALA H2   H N N 8   
ALA HA   H N N 9   
ALA HB1  H N N 10  
ALA HB2  H N N 11  
ALA HB3  H N N 12  
ALA HXT  H N N 13  
ARG N    N N N 14  
ARG CA   C N S 15  
ARG C    C N N 16  
ARG O    O N N 17  
ARG CB   C N N 18  
ARG CG   C N N 19  
ARG CD   C N N 20  
ARG NE   N N N 21  
ARG CZ   C N N 22  
ARG NH1  N N N 23  
ARG NH2  N N N 24  
ARG OXT  O N N 25  
ARG H    H N N 26  
ARG H2   H N N 27  
ARG HA   H N N 28  
ARG HB2  H N N 29  
ARG HB3  H N N 30  
ARG HG2  H N N 31  
ARG HG3  H N N 32  
ARG HD2  H N N 33  
ARG HD3  H N N 34  
ARG HE   H N N 35  
ARG HH11 H N N 36  
ARG HH12 H N N 37  
ARG HH21 H N N 38  
ARG HH22 H N N 39  
ARG HXT  H N N 40  
ASN N    N N N 41  
ASN CA   C N S 42  
ASN C    C N N 43  
ASN O    O N N 44  
ASN CB   C N N 45  
ASN CG   C N N 46  
ASN OD1  O N N 47  
ASN ND2  N N N 48  
ASN OXT  O N N 49  
ASN H    H N N 50  
ASN H2   H N N 51  
ASN HA   H N N 52  
ASN HB2  H N N 53  
ASN HB3  H N N 54  
ASN HD21 H N N 55  
ASN HD22 H N N 56  
ASN HXT  H N N 57  
ASP N    N N N 58  
ASP CA   C N S 59  
ASP C    C N N 60  
ASP O    O N N 61  
ASP CB   C N N 62  
ASP CG   C N N 63  
ASP OD1  O N N 64  
ASP OD2  O N N 65  
ASP OXT  O N N 66  
ASP H    H N N 67  
ASP H2   H N N 68  
ASP HA   H N N 69  
ASP HB2  H N N 70  
ASP HB3  H N N 71  
ASP HD2  H N N 72  
ASP HXT  H N N 73  
CYS N    N N N 74  
CYS CA   C N R 75  
CYS C    C N N 76  
CYS O    O N N 77  
CYS CB   C N N 78  
CYS SG   S N N 79  
CYS OXT  O N N 80  
CYS H    H N N 81  
CYS H2   H N N 82  
CYS HA   H N N 83  
CYS HB2  H N N 84  
CYS HB3  H N N 85  
CYS HG   H N N 86  
CYS HXT  H N N 87  
GLN N    N N N 88  
GLN CA   C N S 89  
GLN C    C N N 90  
GLN O    O N N 91  
GLN CB   C N N 92  
GLN CG   C N N 93  
GLN CD   C N N 94  
GLN OE1  O N N 95  
GLN NE2  N N N 96  
GLN OXT  O N N 97  
GLN H    H N N 98  
GLN H2   H N N 99  
GLN HA   H N N 100 
GLN HB2  H N N 101 
GLN HB3  H N N 102 
GLN HG2  H N N 103 
GLN HG3  H N N 104 
GLN HE21 H N N 105 
GLN HE22 H N N 106 
GLN HXT  H N N 107 
GLU N    N N N 108 
GLU CA   C N S 109 
GLU C    C N N 110 
GLU O    O N N 111 
GLU CB   C N N 112 
GLU CG   C N N 113 
GLU CD   C N N 114 
GLU OE1  O N N 115 
GLU OE2  O N N 116 
GLU OXT  O N N 117 
GLU H    H N N 118 
GLU H2   H N N 119 
GLU HA   H N N 120 
GLU HB2  H N N 121 
GLU HB3  H N N 122 
GLU HG2  H N N 123 
GLU HG3  H N N 124 
GLU HE2  H N N 125 
GLU HXT  H N N 126 
GLY N    N N N 127 
GLY CA   C N N 128 
GLY C    C N N 129 
GLY O    O N N 130 
GLY OXT  O N N 131 
GLY H    H N N 132 
GLY H2   H N N 133 
GLY HA2  H N N 134 
GLY HA3  H N N 135 
GLY HXT  H N N 136 
HIS N    N N N 137 
HIS CA   C N S 138 
HIS C    C N N 139 
HIS O    O N N 140 
HIS CB   C N N 141 
HIS CG   C Y N 142 
HIS ND1  N Y N 143 
HIS CD2  C Y N 144 
HIS CE1  C Y N 145 
HIS NE2  N Y N 146 
HIS OXT  O N N 147 
HIS H    H N N 148 
HIS H2   H N N 149 
HIS HA   H N N 150 
HIS HB2  H N N 151 
HIS HB3  H N N 152 
HIS HD1  H N N 153 
HIS HD2  H N N 154 
HIS HE1  H N N 155 
HIS HE2  H N N 156 
HIS HXT  H N N 157 
LEU N    N N N 158 
LEU CA   C N S 159 
LEU C    C N N 160 
LEU O    O N N 161 
LEU CB   C N N 162 
LEU CG   C N N 163 
LEU CD1  C N N 164 
LEU CD2  C N N 165 
LEU OXT  O N N 166 
LEU H    H N N 167 
LEU H2   H N N 168 
LEU HA   H N N 169 
LEU HB2  H N N 170 
LEU HB3  H N N 171 
LEU HG   H N N 172 
LEU HD11 H N N 173 
LEU HD12 H N N 174 
LEU HD13 H N N 175 
LEU HD21 H N N 176 
LEU HD22 H N N 177 
LEU HD23 H N N 178 
LEU HXT  H N N 179 
LYS N    N N N 180 
LYS CA   C N S 181 
LYS C    C N N 182 
LYS O    O N N 183 
LYS CB   C N N 184 
LYS CG   C N N 185 
LYS CD   C N N 186 
LYS CE   C N N 187 
LYS NZ   N N N 188 
LYS OXT  O N N 189 
LYS H    H N N 190 
LYS H2   H N N 191 
LYS HA   H N N 192 
LYS HB2  H N N 193 
LYS HB3  H N N 194 
LYS HG2  H N N 195 
LYS HG3  H N N 196 
LYS HD2  H N N 197 
LYS HD3  H N N 198 
LYS HE2  H N N 199 
LYS HE3  H N N 200 
LYS HZ1  H N N 201 
LYS HZ2  H N N 202 
LYS HZ3  H N N 203 
LYS HXT  H N N 204 
PHE N    N N N 205 
PHE CA   C N S 206 
PHE C    C N N 207 
PHE O    O N N 208 
PHE CB   C N N 209 
PHE CG   C Y N 210 
PHE CD1  C Y N 211 
PHE CD2  C Y N 212 
PHE CE1  C Y N 213 
PHE CE2  C Y N 214 
PHE CZ   C Y N 215 
PHE OXT  O N N 216 
PHE H    H N N 217 
PHE H2   H N N 218 
PHE HA   H N N 219 
PHE HB2  H N N 220 
PHE HB3  H N N 221 
PHE HD1  H N N 222 
PHE HD2  H N N 223 
PHE HE1  H N N 224 
PHE HE2  H N N 225 
PHE HZ   H N N 226 
PHE HXT  H N N 227 
PRO N    N N N 228 
PRO CA   C N S 229 
PRO C    C N N 230 
PRO O    O N N 231 
PRO CB   C N N 232 
PRO CG   C N N 233 
PRO CD   C N N 234 
PRO OXT  O N N 235 
PRO H    H N N 236 
PRO HA   H N N 237 
PRO HB2  H N N 238 
PRO HB3  H N N 239 
PRO HG2  H N N 240 
PRO HG3  H N N 241 
PRO HD2  H N N 242 
PRO HD3  H N N 243 
PRO HXT  H N N 244 
SER N    N N N 245 
SER CA   C N S 246 
SER C    C N N 247 
SER O    O N N 248 
SER CB   C N N 249 
SER OG   O N N 250 
SER OXT  O N N 251 
SER H    H N N 252 
SER H2   H N N 253 
SER HA   H N N 254 
SER HB2  H N N 255 
SER HB3  H N N 256 
SER HG   H N N 257 
SER HXT  H N N 258 
THR N    N N N 259 
THR CA   C N S 260 
THR C    C N N 261 
THR O    O N N 262 
THR CB   C N R 263 
THR OG1  O N N 264 
THR CG2  C N N 265 
THR OXT  O N N 266 
THR H    H N N 267 
THR H2   H N N 268 
THR HA   H N N 269 
THR HB   H N N 270 
THR HG1  H N N 271 
THR HG21 H N N 272 
THR HG22 H N N 273 
THR HG23 H N N 274 
THR HXT  H N N 275 
TRP N    N N N 276 
TRP CA   C N S 277 
TRP C    C N N 278 
TRP O    O N N 279 
TRP CB   C N N 280 
TRP CG   C Y N 281 
TRP CD1  C Y N 282 
TRP CD2  C Y N 283 
TRP NE1  N Y N 284 
TRP CE2  C Y N 285 
TRP CE3  C Y N 286 
TRP CZ2  C Y N 287 
TRP CZ3  C Y N 288 
TRP CH2  C Y N 289 
TRP OXT  O N N 290 
TRP H    H N N 291 
TRP H2   H N N 292 
TRP HA   H N N 293 
TRP HB2  H N N 294 
TRP HB3  H N N 295 
TRP HD1  H N N 296 
TRP HE1  H N N 297 
TRP HE3  H N N 298 
TRP HZ2  H N N 299 
TRP HZ3  H N N 300 
TRP HH2  H N N 301 
TRP HXT  H N N 302 
TYR N    N N N 303 
TYR CA   C N S 304 
TYR C    C N N 305 
TYR O    O N N 306 
TYR CB   C N N 307 
TYR CG   C Y N 308 
TYR CD1  C Y N 309 
TYR CD2  C Y N 310 
TYR CE1  C Y N 311 
TYR CE2  C Y N 312 
TYR CZ   C Y N 313 
TYR OH   O N N 314 
TYR OXT  O N N 315 
TYR H    H N N 316 
TYR H2   H N N 317 
TYR HA   H N N 318 
TYR HB2  H N N 319 
TYR HB3  H N N 320 
TYR HD1  H N N 321 
TYR HD2  H N N 322 
TYR HE1  H N N 323 
TYR HE2  H N N 324 
TYR HH   H N N 325 
TYR HXT  H N N 326 
VAL N    N N N 327 
VAL CA   C N S 328 
VAL C    C N N 329 
VAL O    O N N 330 
VAL CB   C N N 331 
VAL CG1  C N N 332 
VAL CG2  C N N 333 
VAL OXT  O N N 334 
VAL H    H N N 335 
VAL H2   H N N 336 
VAL HA   H N N 337 
VAL HB   H N N 338 
VAL HG11 H N N 339 
VAL HG12 H N N 340 
VAL HG13 H N N 341 
VAL HG21 H N N 342 
VAL HG22 H N N 343 
VAL HG23 H N N 344 
VAL HXT  H N N 345 
# 
loop_
_chem_comp_bond.comp_id 
_chem_comp_bond.atom_id_1 
_chem_comp_bond.atom_id_2 
_chem_comp_bond.value_order 
_chem_comp_bond.pdbx_aromatic_flag 
_chem_comp_bond.pdbx_stereo_config 
_chem_comp_bond.pdbx_ordinal 
ALA N   CA   sing N N 1   
ALA N   H    sing N N 2   
ALA N   H2   sing N N 3   
ALA CA  C    sing N N 4   
ALA CA  CB   sing N N 5   
ALA CA  HA   sing N N 6   
ALA C   O    doub N N 7   
ALA C   OXT  sing N N 8   
ALA CB  HB1  sing N N 9   
ALA CB  HB2  sing N N 10  
ALA CB  HB3  sing N N 11  
ALA OXT HXT  sing N N 12  
ARG N   CA   sing N N 13  
ARG N   H    sing N N 14  
ARG N   H2   sing N N 15  
ARG CA  C    sing N N 16  
ARG CA  CB   sing N N 17  
ARG CA  HA   sing N N 18  
ARG C   O    doub N N 19  
ARG C   OXT  sing N N 20  
ARG CB  CG   sing N N 21  
ARG CB  HB2  sing N N 22  
ARG CB  HB3  sing N N 23  
ARG CG  CD   sing N N 24  
ARG CG  HG2  sing N N 25  
ARG CG  HG3  sing N N 26  
ARG CD  NE   sing N N 27  
ARG CD  HD2  sing N N 28  
ARG CD  HD3  sing N N 29  
ARG NE  CZ   sing N N 30  
ARG NE  HE   sing N N 31  
ARG CZ  NH1  sing N N 32  
ARG CZ  NH2  doub N N 33  
ARG NH1 HH11 sing N N 34  
ARG NH1 HH12 sing N N 35  
ARG NH2 HH21 sing N N 36  
ARG NH2 HH22 sing N N 37  
ARG OXT HXT  sing N N 38  
ASN N   CA   sing N N 39  
ASN N   H    sing N N 40  
ASN N   H2   sing N N 41  
ASN CA  C    sing N N 42  
ASN CA  CB   sing N N 43  
ASN CA  HA   sing N N 44  
ASN C   O    doub N N 45  
ASN C   OXT  sing N N 46  
ASN CB  CG   sing N N 47  
ASN CB  HB2  sing N N 48  
ASN CB  HB3  sing N N 49  
ASN CG  OD1  doub N N 50  
ASN CG  ND2  sing N N 51  
ASN ND2 HD21 sing N N 52  
ASN ND2 HD22 sing N N 53  
ASN OXT HXT  sing N N 54  
ASP N   CA   sing N N 55  
ASP N   H    sing N N 56  
ASP N   H2   sing N N 57  
ASP CA  C    sing N N 58  
ASP CA  CB   sing N N 59  
ASP CA  HA   sing N N 60  
ASP C   O    doub N N 61  
ASP C   OXT  sing N N 62  
ASP CB  CG   sing N N 63  
ASP CB  HB2  sing N N 64  
ASP CB  HB3  sing N N 65  
ASP CG  OD1  doub N N 66  
ASP CG  OD2  sing N N 67  
ASP OD2 HD2  sing N N 68  
ASP OXT HXT  sing N N 69  
CYS N   CA   sing N N 70  
CYS N   H    sing N N 71  
CYS N   H2   sing N N 72  
CYS CA  C    sing N N 73  
CYS CA  CB   sing N N 74  
CYS CA  HA   sing N N 75  
CYS C   O    doub N N 76  
CYS C   OXT  sing N N 77  
CYS CB  SG   sing N N 78  
CYS CB  HB2  sing N N 79  
CYS CB  HB3  sing N N 80  
CYS SG  HG   sing N N 81  
CYS OXT HXT  sing N N 82  
GLN N   CA   sing N N 83  
GLN N   H    sing N N 84  
GLN N   H2   sing N N 85  
GLN CA  C    sing N N 86  
GLN CA  CB   sing N N 87  
GLN CA  HA   sing N N 88  
GLN C   O    doub N N 89  
GLN C   OXT  sing N N 90  
GLN CB  CG   sing N N 91  
GLN CB  HB2  sing N N 92  
GLN CB  HB3  sing N N 93  
GLN CG  CD   sing N N 94  
GLN CG  HG2  sing N N 95  
GLN CG  HG3  sing N N 96  
GLN CD  OE1  doub N N 97  
GLN CD  NE2  sing N N 98  
GLN NE2 HE21 sing N N 99  
GLN NE2 HE22 sing N N 100 
GLN OXT HXT  sing N N 101 
GLU N   CA   sing N N 102 
GLU N   H    sing N N 103 
GLU N   H2   sing N N 104 
GLU CA  C    sing N N 105 
GLU CA  CB   sing N N 106 
GLU CA  HA   sing N N 107 
GLU C   O    doub N N 108 
GLU C   OXT  sing N N 109 
GLU CB  CG   sing N N 110 
GLU CB  HB2  sing N N 111 
GLU CB  HB3  sing N N 112 
GLU CG  CD   sing N N 113 
GLU CG  HG2  sing N N 114 
GLU CG  HG3  sing N N 115 
GLU CD  OE1  doub N N 116 
GLU CD  OE2  sing N N 117 
GLU OE2 HE2  sing N N 118 
GLU OXT HXT  sing N N 119 
GLY N   CA   sing N N 120 
GLY N   H    sing N N 121 
GLY N   H2   sing N N 122 
GLY CA  C    sing N N 123 
GLY CA  HA2  sing N N 124 
GLY CA  HA3  sing N N 125 
GLY C   O    doub N N 126 
GLY C   OXT  sing N N 127 
GLY OXT HXT  sing N N 128 
HIS N   CA   sing N N 129 
HIS N   H    sing N N 130 
HIS N   H2   sing N N 131 
HIS CA  C    sing N N 132 
HIS CA  CB   sing N N 133 
HIS CA  HA   sing N N 134 
HIS C   O    doub N N 135 
HIS C   OXT  sing N N 136 
HIS CB  CG   sing N N 137 
HIS CB  HB2  sing N N 138 
HIS CB  HB3  sing N N 139 
HIS CG  ND1  sing Y N 140 
HIS CG  CD2  doub Y N 141 
HIS ND1 CE1  doub Y N 142 
HIS ND1 HD1  sing N N 143 
HIS CD2 NE2  sing Y N 144 
HIS CD2 HD2  sing N N 145 
HIS CE1 NE2  sing Y N 146 
HIS CE1 HE1  sing N N 147 
HIS NE2 HE2  sing N N 148 
HIS OXT HXT  sing N N 149 
LEU N   CA   sing N N 150 
LEU N   H    sing N N 151 
LEU N   H2   sing N N 152 
LEU CA  C    sing N N 153 
LEU CA  CB   sing N N 154 
LEU CA  HA   sing N N 155 
LEU C   O    doub N N 156 
LEU C   OXT  sing N N 157 
LEU CB  CG   sing N N 158 
LEU CB  HB2  sing N N 159 
LEU CB  HB3  sing N N 160 
LEU CG  CD1  sing N N 161 
LEU CG  CD2  sing N N 162 
LEU CG  HG   sing N N 163 
LEU CD1 HD11 sing N N 164 
LEU CD1 HD12 sing N N 165 
LEU CD1 HD13 sing N N 166 
LEU CD2 HD21 sing N N 167 
LEU CD2 HD22 sing N N 168 
LEU CD2 HD23 sing N N 169 
LEU OXT HXT  sing N N 170 
LYS N   CA   sing N N 171 
LYS N   H    sing N N 172 
LYS N   H2   sing N N 173 
LYS CA  C    sing N N 174 
LYS CA  CB   sing N N 175 
LYS CA  HA   sing N N 176 
LYS C   O    doub N N 177 
LYS C   OXT  sing N N 178 
LYS CB  CG   sing N N 179 
LYS CB  HB2  sing N N 180 
LYS CB  HB3  sing N N 181 
LYS CG  CD   sing N N 182 
LYS CG  HG2  sing N N 183 
LYS CG  HG3  sing N N 184 
LYS CD  CE   sing N N 185 
LYS CD  HD2  sing N N 186 
LYS CD  HD3  sing N N 187 
LYS CE  NZ   sing N N 188 
LYS CE  HE2  sing N N 189 
LYS CE  HE3  sing N N 190 
LYS NZ  HZ1  sing N N 191 
LYS NZ  HZ2  sing N N 192 
LYS NZ  HZ3  sing N N 193 
LYS OXT HXT  sing N N 194 
PHE N   CA   sing N N 195 
PHE N   H    sing N N 196 
PHE N   H2   sing N N 197 
PHE CA  C    sing N N 198 
PHE CA  CB   sing N N 199 
PHE CA  HA   sing N N 200 
PHE C   O    doub N N 201 
PHE C   OXT  sing N N 202 
PHE CB  CG   sing N N 203 
PHE CB  HB2  sing N N 204 
PHE CB  HB3  sing N N 205 
PHE CG  CD1  doub Y N 206 
PHE CG  CD2  sing Y N 207 
PHE CD1 CE1  sing Y N 208 
PHE CD1 HD1  sing N N 209 
PHE CD2 CE2  doub Y N 210 
PHE CD2 HD2  sing N N 211 
PHE CE1 CZ   doub Y N 212 
PHE CE1 HE1  sing N N 213 
PHE CE2 CZ   sing Y N 214 
PHE CE2 HE2  sing N N 215 
PHE CZ  HZ   sing N N 216 
PHE OXT HXT  sing N N 217 
PRO N   CA   sing N N 218 
PRO N   CD   sing N N 219 
PRO N   H    sing N N 220 
PRO CA  C    sing N N 221 
PRO CA  CB   sing N N 222 
PRO CA  HA   sing N N 223 
PRO C   O    doub N N 224 
PRO C   OXT  sing N N 225 
PRO CB  CG   sing N N 226 
PRO CB  HB2  sing N N 227 
PRO CB  HB3  sing N N 228 
PRO CG  CD   sing N N 229 
PRO CG  HG2  sing N N 230 
PRO CG  HG3  sing N N 231 
PRO CD  HD2  sing N N 232 
PRO CD  HD3  sing N N 233 
PRO OXT HXT  sing N N 234 
SER N   CA   sing N N 235 
SER N   H    sing N N 236 
SER N   H2   sing N N 237 
SER CA  C    sing N N 238 
SER CA  CB   sing N N 239 
SER CA  HA   sing N N 240 
SER C   O    doub N N 241 
SER C   OXT  sing N N 242 
SER CB  OG   sing N N 243 
SER CB  HB2  sing N N 244 
SER CB  HB3  sing N N 245 
SER OG  HG   sing N N 246 
SER OXT HXT  sing N N 247 
THR N   CA   sing N N 248 
THR N   H    sing N N 249 
THR N   H2   sing N N 250 
THR CA  C    sing N N 251 
THR CA  CB   sing N N 252 
THR CA  HA   sing N N 253 
THR C   O    doub N N 254 
THR C   OXT  sing N N 255 
THR CB  OG1  sing N N 256 
THR CB  CG2  sing N N 257 
THR CB  HB   sing N N 258 
THR OG1 HG1  sing N N 259 
THR CG2 HG21 sing N N 260 
THR CG2 HG22 sing N N 261 
THR CG2 HG23 sing N N 262 
THR OXT HXT  sing N N 263 
TRP N   CA   sing N N 264 
TRP N   H    sing N N 265 
TRP N   H2   sing N N 266 
TRP CA  C    sing N N 267 
TRP CA  CB   sing N N 268 
TRP CA  HA   sing N N 269 
TRP C   O    doub N N 270 
TRP C   OXT  sing N N 271 
TRP CB  CG   sing N N 272 
TRP CB  HB2  sing N N 273 
TRP CB  HB3  sing N N 274 
TRP CG  CD1  doub Y N 275 
TRP CG  CD2  sing Y N 276 
TRP CD1 NE1  sing Y N 277 
TRP CD1 HD1  sing N N 278 
TRP CD2 CE2  doub Y N 279 
TRP CD2 CE3  sing Y N 280 
TRP NE1 CE2  sing Y N 281 
TRP NE1 HE1  sing N N 282 
TRP CE2 CZ2  sing Y N 283 
TRP CE3 CZ3  doub Y N 284 
TRP CE3 HE3  sing N N 285 
TRP CZ2 CH2  doub Y N 286 
TRP CZ2 HZ2  sing N N 287 
TRP CZ3 CH2  sing Y N 288 
TRP CZ3 HZ3  sing N N 289 
TRP CH2 HH2  sing N N 290 
TRP OXT HXT  sing N N 291 
TYR N   CA   sing N N 292 
TYR N   H    sing N N 293 
TYR N   H2   sing N N 294 
TYR CA  C    sing N N 295 
TYR CA  CB   sing N N 296 
TYR CA  HA   sing N N 297 
TYR C   O    doub N N 298 
TYR C   OXT  sing N N 299 
TYR CB  CG   sing N N 300 
TYR CB  HB2  sing N N 301 
TYR CB  HB3  sing N N 302 
TYR CG  CD1  doub Y N 303 
TYR CG  CD2  sing Y N 304 
TYR CD1 CE1  sing Y N 305 
TYR CD1 HD1  sing N N 306 
TYR CD2 CE2  doub Y N 307 
TYR CD2 HD2  sing N N 308 
TYR CE1 CZ   doub Y N 309 
TYR CE1 HE1  sing N N 310 
TYR CE2 CZ   sing Y N 311 
TYR CE2 HE2  sing N N 312 
TYR CZ  OH   sing N N 313 
TYR OH  HH   sing N N 314 
TYR OXT HXT  sing N N 315 
VAL N   CA   sing N N 316 
VAL N   H    sing N N 317 
VAL N   H2   sing N N 318 
VAL CA  C    sing N N 319 
VAL CA  CB   sing N N 320 
VAL CA  HA   sing N N 321 
VAL C   O    doub N N 322 
VAL C   OXT  sing N N 323 
VAL CB  CG1  sing N N 324 
VAL CB  CG2  sing N N 325 
VAL CB  HB   sing N N 326 
VAL CG1 HG11 sing N N 327 
VAL CG1 HG12 sing N N 328 
VAL CG1 HG13 sing N N 329 
VAL CG2 HG21 sing N N 330 
VAL CG2 HG22 sing N N 331 
VAL CG2 HG23 sing N N 332 
VAL OXT HXT  sing N N 333 
# 
_pdbx_nmr_spectrometer.spectrometer_id   1 
_pdbx_nmr_spectrometer.model             AMX500 
_pdbx_nmr_spectrometer.manufacturer      Bruker 
_pdbx_nmr_spectrometer.field_strength    500 
# 
_atom_sites.entry_id                    2VGH 
_atom_sites.fract_transf_matrix[1][1]   1.000000 
_atom_sites.fract_transf_matrix[1][2]   0.000000 
_atom_sites.fract_transf_matrix[1][3]   0.000000 
_atom_sites.fract_transf_matrix[2][1]   0.000000 
_atom_sites.fract_transf_matrix[2][2]   1.000000 
_atom_sites.fract_transf_matrix[2][3]   0.000000 
_atom_sites.fract_transf_matrix[3][1]   0.000000 
_atom_sites.fract_transf_matrix[3][2]   0.000000 
_atom_sites.fract_transf_matrix[3][3]   1.000000 
_atom_sites.fract_transf_vector[1]      0.00000 
_atom_sites.fract_transf_vector[2]      0.00000 
_atom_sites.fract_transf_vector[3]      0.00000 
# 
loop_
_atom_type.symbol 
C 
H 
N 
O 
S 
# 
loop_
_atom_site.group_PDB 
_atom_site.id 
_atom_site.type_symbol 
_atom_site.label_atom_id 
_atom_site.label_alt_id 
_atom_site.label_comp_id 
_atom_site.label_asym_id 
_atom_site.label_entity_id 
_atom_site.label_seq_id 
_atom_site.pdbx_PDB_ins_code 
_atom_site.Cartn_x 
_atom_site.Cartn_y 
_atom_site.Cartn_z 
_atom_site.occupancy 
_atom_site.B_iso_or_equiv 
_atom_site.pdbx_formal_charge 
_atom_site.auth_seq_id 
_atom_site.auth_comp_id 
_atom_site.auth_asym_id 
_atom_site.auth_atom_id 
_atom_site.pdbx_PDB_model_num 
ATOM 1   N N    . ALA A 1 1  ? -9.554  -18.732 2.820   1.00 0.00 ? 1  ALA A N    1 
ATOM 2   C CA   . ALA A 1 1  ? -10.641 -18.435 3.771   1.00 0.00 ? 1  ALA A CA   1 
ATOM 3   C C    . ALA A 1 1  ? -11.898 -19.250 3.466   1.00 0.00 ? 1  ALA A C    1 
ATOM 4   O O    . ALA A 1 1  ? -12.358 -20.005 4.319   1.00 0.00 ? 1  ALA A O    1 
ATOM 5   C CB   . ALA A 1 1  ? -10.957 -16.937 3.796   1.00 0.00 ? 1  ALA A CB   1 
ATOM 6   H H1   . ALA A 1 1  ? -9.364  -19.723 2.829   1.00 0.00 ? 1  ALA A H1   1 
ATOM 7   H H2   . ALA A 1 1  ? -9.831  -18.453 1.890   1.00 0.00 ? 1  ALA A H2   1 
ATOM 8   H H3   . ALA A 1 1  ? -8.715  -18.232 3.085   1.00 0.00 ? 1  ALA A H3   1 
ATOM 9   H HA   . ALA A 1 1  ? -10.290 -18.714 4.765   1.00 0.00 ? 1  ALA A HA   1 
ATOM 10  H HB1  . ALA A 1 1  ? -11.255 -16.596 2.804   1.00 0.00 ? 1  ALA A HB1  1 
ATOM 11  H HB2  . ALA A 1 1  ? -11.767 -16.743 4.500   1.00 0.00 ? 1  ALA A HB2  1 
ATOM 12  H HB3  . ALA A 1 1  ? -10.074 -16.383 4.112   1.00 0.00 ? 1  ALA A HB3  1 
ATOM 13  N N    . ARG A 1 2  ? -12.436 -19.088 2.248   1.00 0.00 ? 2  ARG A N    1 
ATOM 14  C CA   . ARG A 1 2  ? -13.648 -19.731 1.751   1.00 0.00 ? 2  ARG A CA   1 
ATOM 15  C C    . ARG A 1 2  ? -14.899 -19.071 2.346   1.00 0.00 ? 2  ARG A C    1 
ATOM 16  O O    . ARG A 1 2  ? -14.904 -18.674 3.510   1.00 0.00 ? 2  ARG A O    1 
ATOM 17  C CB   . ARG A 1 2  ? -13.607 -21.253 1.974   1.00 0.00 ? 2  ARG A CB   1 
ATOM 18  C CG   . ARG A 1 2  ? -14.637 -21.977 1.098   1.00 0.00 ? 2  ARG A CG   1 
ATOM 19  C CD   . ARG A 1 2  ? -14.560 -23.494 1.298   1.00 0.00 ? 2  ARG A CD   1 
ATOM 20  N NE   . ARG A 1 2  ? -15.607 -24.185 0.532   1.00 0.00 ? 2  ARG A NE   1 
ATOM 21  C CZ   . ARG A 1 2  ? -16.889 -24.319 0.910   1.00 0.00 ? 2  ARG A CZ   1 
ATOM 22  N NH1  . ARG A 1 2  ? -17.323 -23.826 2.080   1.00 0.00 ? 2  ARG A NH1  1 
ATOM 23  N NH2  . ARG A 1 2  ? -17.752 -24.953 0.106   1.00 0.00 ? 2  ARG A NH2  1 
ATOM 24  H H    . ARG A 1 2  ? -11.980 -18.442 1.620   1.00 0.00 ? 2  ARG A H    1 
ATOM 25  H HA   . ARG A 1 2  ? -13.651 -19.557 0.674   1.00 0.00 ? 2  ARG A HA   1 
ATOM 26  H HB2  . ARG A 1 2  ? -12.615 -21.625 1.712   1.00 0.00 ? 2  ARG A HB2  1 
ATOM 27  H HB3  . ARG A 1 2  ? -13.809 -21.486 3.019   1.00 0.00 ? 2  ARG A HB3  1 
ATOM 28  H HG2  . ARG A 1 2  ? -15.634 -21.637 1.363   1.00 0.00 ? 2  ARG A HG2  1 
ATOM 29  H HG3  . ARG A 1 2  ? -14.453 -21.747 0.048   1.00 0.00 ? 2  ARG A HG3  1 
ATOM 30  H HD2  . ARG A 1 2  ? -13.589 -23.847 0.949   1.00 0.00 ? 2  ARG A HD2  1 
ATOM 31  H HD3  . ARG A 1 2  ? -14.647 -23.738 2.358   1.00 0.00 ? 2  ARG A HD3  1 
ATOM 32  H HE   . ARG A 1 2  ? -15.326 -24.583 -0.354  1.00 0.00 ? 2  ARG A HE   1 
ATOM 33  H HH11 . ARG A 1 2  ? -16.682 -23.345 2.696   1.00 0.00 ? 2  ARG A HH11 1 
ATOM 34  H HH12 . ARG A 1 2  ? -18.290 -23.935 2.350   1.00 0.00 ? 2  ARG A HH12 1 
ATOM 35  H HH21 . ARG A 1 2  ? -17.437 -25.331 -0.777  1.00 0.00 ? 2  ARG A HH21 1 
ATOM 36  H HH22 . ARG A 1 2  ? -18.718 -25.059 0.379   1.00 0.00 ? 2  ARG A HH22 1 
ATOM 37  N N    . GLN A 1 3  ? -15.953 -18.939 1.528   1.00 0.00 ? 3  GLN A N    1 
ATOM 38  C CA   . GLN A 1 3  ? -17.174 -18.205 1.847   1.00 0.00 ? 3  GLN A CA   1 
ATOM 39  C C    . GLN A 1 3  ? -16.847 -16.754 2.220   1.00 0.00 ? 3  GLN A C    1 
ATOM 40  O O    . GLN A 1 3  ? -17.292 -16.257 3.254   1.00 0.00 ? 3  GLN A O    1 
ATOM 41  C CB   . GLN A 1 3  ? -18.002 -18.919 2.932   1.00 0.00 ? 3  GLN A CB   1 
ATOM 42  C CG   . GLN A 1 3  ? -18.330 -20.380 2.596   1.00 0.00 ? 3  GLN A CG   1 
ATOM 43  C CD   . GLN A 1 3  ? -19.038 -20.525 1.251   1.00 0.00 ? 3  GLN A CD   1 
ATOM 44  O OE1  . GLN A 1 3  ? -20.103 -19.949 1.044   1.00 0.00 ? 3  GLN A OE1  1 
ATOM 45  N NE2  . GLN A 1 3  ? -18.455 -21.293 0.328   1.00 0.00 ? 3  GLN A NE2  1 
ATOM 46  H H    . GLN A 1 3  ? -15.880 -19.318 0.595   1.00 0.00 ? 3  GLN A H    1 
ATOM 47  H HA   . GLN A 1 3  ? -17.773 -18.161 0.936   1.00 0.00 ? 3  GLN A HA   1 
ATOM 48  H HB2  . GLN A 1 3  ? -17.470 -18.897 3.884   1.00 0.00 ? 3  GLN A HB2  1 
ATOM 49  H HB3  . GLN A 1 3  ? -18.942 -18.379 3.058   1.00 0.00 ? 3  GLN A HB3  1 
ATOM 50  H HG2  . GLN A 1 3  ? -17.413 -20.966 2.612   1.00 0.00 ? 3  GLN A HG2  1 
ATOM 51  H HG3  . GLN A 1 3  ? -18.989 -20.772 3.373   1.00 0.00 ? 3  GLN A HG3  1 
ATOM 52  H HE21 . GLN A 1 3  ? -17.586 -21.765 0.530   1.00 0.00 ? 3  GLN A HE21 1 
ATOM 53  H HE22 . GLN A 1 3  ? -18.896 -21.407 -0.573  1.00 0.00 ? 3  GLN A HE22 1 
ATOM 54  N N    . GLU A 1 4  ? -16.067 -16.088 1.359   1.00 0.00 ? 4  GLU A N    1 
ATOM 55  C CA   . GLU A 1 4  ? -15.624 -14.706 1.506   1.00 0.00 ? 4  GLU A CA   1 
ATOM 56  C C    . GLU A 1 4  ? -14.711 -14.519 2.725   1.00 0.00 ? 4  GLU A C    1 
ATOM 57  O O    . GLU A 1 4  ? -14.435 -15.460 3.467   1.00 0.00 ? 4  GLU A O    1 
ATOM 58  C CB   . GLU A 1 4  ? -16.822 -13.738 1.522   1.00 0.00 ? 4  GLU A CB   1 
ATOM 59  C CG   . GLU A 1 4  ? -17.824 -13.984 0.384   1.00 0.00 ? 4  GLU A CG   1 
ATOM 60  C CD   . GLU A 1 4  ? -17.154 -13.952 -0.987  1.00 0.00 ? 4  GLU A CD   1 
ATOM 61  O OE1  . GLU A 1 4  ? -16.840 -12.831 -1.442  1.00 0.00 ? 4  GLU A OE1  1 
ATOM 62  O OE2  . GLU A 1 4  ? -16.964 -15.051 -1.554  1.00 0.00 ? 4  GLU A OE2  1 
ATOM 63  H H    . GLU A 1 4  ? -15.758 -16.572 0.530   1.00 0.00 ? 4  GLU A H    1 
ATOM 64  H HA   . GLU A 1 4  ? -15.018 -14.477 0.628   1.00 0.00 ? 4  GLU A HA   1 
ATOM 65  H HB2  . GLU A 1 4  ? -17.350 -13.812 2.472   1.00 0.00 ? 4  GLU A HB2  1 
ATOM 66  H HB3  . GLU A 1 4  ? -16.448 -12.719 1.423   1.00 0.00 ? 4  GLU A HB3  1 
ATOM 67  H HG2  . GLU A 1 4  ? -18.323 -14.943 0.525   1.00 0.00 ? 4  GLU A HG2  1 
ATOM 68  H HG3  . GLU A 1 4  ? -18.585 -13.204 0.418   1.00 0.00 ? 4  GLU A HG3  1 
ATOM 69  N N    . ASN A 1 5  ? -14.232 -13.284 2.919   1.00 0.00 ? 5  ASN A N    1 
ATOM 70  C CA   . ASN A 1 5  ? -13.418 -12.904 4.064   1.00 0.00 ? 5  ASN A CA   1 
ATOM 71  C C    . ASN A 1 5  ? -13.658 -11.422 4.375   1.00 0.00 ? 5  ASN A C    1 
ATOM 72  O O    . ASN A 1 5  ? -12.898 -10.576 3.910   1.00 0.00 ? 5  ASN A O    1 
ATOM 73  C CB   . ASN A 1 5  ? -11.945 -13.202 3.759   1.00 0.00 ? 5  ASN A CB   1 
ATOM 74  C CG   . ASN A 1 5  ? -11.046 -12.951 4.967   1.00 0.00 ? 5  ASN A CG   1 
ATOM 75  O OD1  . ASN A 1 5  ? -10.279 -11.994 4.987   1.00 0.00 ? 5  ASN A OD1  1 
ATOM 76  N ND2  . ASN A 1 5  ? -11.122 -13.819 5.977   1.00 0.00 ? 5  ASN A ND2  1 
ATOM 77  H H    . ASN A 1 5  ? -14.468 -12.560 2.258   1.00 0.00 ? 5  ASN A H    1 
ATOM 78  H HA   . ASN A 1 5  ? -13.702 -13.499 4.933   1.00 0.00 ? 5  ASN A HA   1 
ATOM 79  H HB2  . ASN A 1 5  ? -11.844 -14.248 3.472   1.00 0.00 ? 5  ASN A HB2  1 
ATOM 80  H HB3  . ASN A 1 5  ? -11.611 -12.590 2.921   1.00 0.00 ? 5  ASN A HB3  1 
ATOM 81  H HD21 . ASN A 1 5  ? -11.762 -14.598 5.934   1.00 0.00 ? 5  ASN A HD21 1 
ATOM 82  H HD22 . ASN A 1 5  ? -10.507 -13.702 6.772   1.00 0.00 ? 5  ASN A HD22 1 
ATOM 83  N N    . PRO A 1 6  ? -14.710 -11.091 5.143   1.00 0.00 ? 6  PRO A N    1 
ATOM 84  C CA   . PRO A 1 6  ? -15.013 -9.726  5.553   1.00 0.00 ? 6  PRO A CA   1 
ATOM 85  C C    . PRO A 1 6  ? -13.828 -9.081  6.276   1.00 0.00 ? 6  PRO A C    1 
ATOM 86  O O    . PRO A 1 6  ? -13.283 -9.672  7.207   1.00 0.00 ? 6  PRO A O    1 
ATOM 87  C CB   . PRO A 1 6  ? -16.238 -9.831  6.468   1.00 0.00 ? 6  PRO A CB   1 
ATOM 88  C CG   . PRO A 1 6  ? -16.920 -11.112 5.991   1.00 0.00 ? 6  PRO A CG   1 
ATOM 89  C CD   . PRO A 1 6  ? -15.735 -12.003 5.625   1.00 0.00 ? 6  PRO A CD   1 
ATOM 90  H HA   . PRO A 1 6  ? -15.281 -9.153  4.663   1.00 0.00 ? 6  PRO A HA   1 
ATOM 91  H HB2  . PRO A 1 6  ? -15.928 -9.968  7.506   1.00 0.00 ? 6  PRO A HB2  1 
ATOM 92  H HB3  . PRO A 1 6  ? -16.890 -8.961  6.386   1.00 0.00 ? 6  PRO A HB3  1 
ATOM 93  H HG2  . PRO A 1 6  ? -17.554 -11.558 6.760   1.00 0.00 ? 6  PRO A HG2  1 
ATOM 94  H HG3  . PRO A 1 6  ? -17.505 -10.897 5.095   1.00 0.00 ? 6  PRO A HG3  1 
ATOM 95  H HD2  . PRO A 1 6  ? -15.369 -12.515 6.516   1.00 0.00 ? 6  PRO A HD2  1 
ATOM 96  H HD3  . PRO A 1 6  ? -16.040 -12.728 4.872   1.00 0.00 ? 6  PRO A HD3  1 
ATOM 97  N N    . CYS A 1 7  ? -13.434 -7.877  5.841   1.00 0.00 ? 7  CYS A N    1 
ATOM 98  C CA   . CYS A 1 7  ? -12.308 -7.138  6.392   1.00 0.00 ? 7  CYS A CA   1 
ATOM 99  C C    . CYS A 1 7  ? -12.662 -5.659  6.554   1.00 0.00 ? 7  CYS A C    1 
ATOM 100 O O    . CYS A 1 7  ? -13.682 -5.195  6.045   1.00 0.00 ? 7  CYS A O    1 
ATOM 101 C CB   . CYS A 1 7  ? -11.107 -7.280  5.454   1.00 0.00 ? 7  CYS A CB   1 
ATOM 102 S SG   . CYS A 1 7  ? -10.364 -8.921  5.343   1.00 0.00 ? 7  CYS A SG   1 
ATOM 103 H H    . CYS A 1 7  ? -13.910 -7.450  5.061   1.00 0.00 ? 7  CYS A H    1 
ATOM 104 H HA   . CYS A 1 7  ? -12.044 -7.519  7.379   1.00 0.00 ? 7  CYS A HA   1 
ATOM 105 H HB2  . CYS A 1 7  ? -11.408 -6.973  4.451   1.00 0.00 ? 7  CYS A HB2  1 
ATOM 106 H HB3  . CYS A 1 7  ? -10.321 -6.613  5.803   1.00 0.00 ? 7  CYS A HB3  1 
ATOM 107 N N    . GLY A 1 8  ? -11.790 -4.931  7.261   1.00 0.00 ? 8  GLY A N    1 
ATOM 108 C CA   . GLY A 1 8  ? -11.868 -3.495  7.478   1.00 0.00 ? 8  GLY A CA   1 
ATOM 109 C C    . GLY A 1 8  ? -10.613 -2.837  6.901   1.00 0.00 ? 8  GLY A C    1 
ATOM 110 O O    . GLY A 1 8  ? -9.586  -2.825  7.578   1.00 0.00 ? 8  GLY A O    1 
ATOM 111 H H    . GLY A 1 8  ? -10.985 -5.400  7.652   1.00 0.00 ? 8  GLY A H    1 
ATOM 112 H HA2  . GLY A 1 8  ? -12.779 -3.065  7.062   1.00 0.00 ? 8  GLY A HA2  1 
ATOM 113 H HA3  . GLY A 1 8  ? -11.883 -3.321  8.554   1.00 0.00 ? 8  GLY A HA3  1 
ATOM 114 N N    . PRO A 1 9  ? -10.673 -2.298  5.669   1.00 0.00 ? 9  PRO A N    1 
ATOM 115 C CA   . PRO A 1 9  ? -9.568  -1.606  5.019   1.00 0.00 ? 9  PRO A CA   1 
ATOM 116 C C    . PRO A 1 9  ? -8.919  -0.539  5.905   1.00 0.00 ? 9  PRO A C    1 
ATOM 117 O O    . PRO A 1 9  ? -9.609  0.180   6.625   1.00 0.00 ? 9  PRO A O    1 
ATOM 118 C CB   . PRO A 1 9  ? -10.158 -0.989  3.751   1.00 0.00 ? 9  PRO A CB   1 
ATOM 119 C CG   . PRO A 1 9  ? -11.282 -1.960  3.399   1.00 0.00 ? 9  PRO A CG   1 
ATOM 120 C CD   . PRO A 1 9  ? -11.817 -2.360  4.774   1.00 0.00 ? 9  PRO A CD   1 
ATOM 121 H HA   . PRO A 1 9  ? -8.827  -2.351  4.730   1.00 0.00 ? 9  PRO A HA   1 
ATOM 122 H HB2  . PRO A 1 9  ? -10.584 -0.011  3.976   1.00 0.00 ? 9  PRO A HB2  1 
ATOM 123 H HB3  . PRO A 1 9  ? -9.416  -0.909  2.957   1.00 0.00 ? 9  PRO A HB3  1 
ATOM 124 H HG2  . PRO A 1 9  ? -12.050 -1.504  2.774   1.00 0.00 ? 9  PRO A HG2  1 
ATOM 125 H HG3  . PRO A 1 9  ? -10.860 -2.836  2.903   1.00 0.00 ? 9  PRO A HG3  1 
ATOM 126 H HD2  . PRO A 1 9  ? -12.569 -1.640  5.098   1.00 0.00 ? 9  PRO A HD2  1 
ATOM 127 H HD3  . PRO A 1 9  ? -12.246 -3.360  4.723   1.00 0.00 ? 9  PRO A HD3  1 
ATOM 128 N N    . CYS A 1 10 ? -7.586  -0.454  5.846   1.00 0.00 ? 10 CYS A N    1 
ATOM 129 C CA   . CYS A 1 10 ? -6.795  0.440   6.679   1.00 0.00 ? 10 CYS A CA   1 
ATOM 130 C C    . CYS A 1 10 ? -7.000  1.895   6.266   1.00 0.00 ? 10 CYS A C    1 
ATOM 131 O O    . CYS A 1 10 ? -7.332  2.737   7.098   1.00 0.00 ? 10 CYS A O    1 
ATOM 132 C CB   . CYS A 1 10 ? -5.316  0.046   6.607   1.00 0.00 ? 10 CYS A CB   1 
ATOM 133 S SG   . CYS A 1 10 ? -4.943  -1.567  7.345   1.00 0.00 ? 10 CYS A SG   1 
ATOM 134 H H    . CYS A 1 10 ? -7.090  -1.067  5.215   1.00 0.00 ? 10 CYS A H    1 
ATOM 135 H HA   . CYS A 1 10 ? -7.118  0.328   7.716   1.00 0.00 ? 10 CYS A HA   1 
ATOM 136 H HB2  . CYS A 1 10 ? -4.969  0.052   5.570   1.00 0.00 ? 10 CYS A HB2  1 
ATOM 137 H HB3  . CYS A 1 10 ? -4.742  0.790   7.160   1.00 0.00 ? 10 CYS A HB3  1 
ATOM 138 N N    . SER A 1 11 ? -6.799  2.187   4.978   1.00 0.00 ? 11 SER A N    1 
ATOM 139 C CA   . SER A 1 11 ? -6.964  3.515   4.409   1.00 0.00 ? 11 SER A CA   1 
ATOM 140 C C    . SER A 1 11 ? -8.448  3.889   4.312   1.00 0.00 ? 11 SER A C    1 
ATOM 141 O O    . SER A 1 11 ? -9.320  3.020   4.322   1.00 0.00 ? 11 SER A O    1 
ATOM 142 C CB   . SER A 1 11 ? -6.244  3.567   3.060   1.00 0.00 ? 11 SER A CB   1 
ATOM 143 O OG   . SER A 1 11 ? -6.475  2.379   2.332   1.00 0.00 ? 11 SER A OG   1 
ATOM 144 H H    . SER A 1 11 ? -6.543  1.449   4.336   1.00 0.00 ? 11 SER A H    1 
ATOM 145 H HA   . SER A 1 11 ? -6.481  4.239   5.068   1.00 0.00 ? 11 SER A HA   1 
ATOM 146 H HB2  . SER A 1 11 ? -6.564  4.434   2.480   1.00 0.00 ? 11 SER A HB2  1 
ATOM 147 H HB3  . SER A 1 11 ? -5.174  3.645   3.250   1.00 0.00 ? 11 SER A HB3  1 
ATOM 148 H HG   . SER A 1 11 ? -5.903  2.378   1.560   1.00 0.00 ? 11 SER A HG   1 
ATOM 149 N N    . GLU A 1 12 ? -8.714  5.199   4.238   1.00 0.00 ? 12 GLU A N    1 
ATOM 150 C CA   . GLU A 1 12 ? -10.039 5.795   4.357   1.00 0.00 ? 12 GLU A CA   1 
ATOM 151 C C    . GLU A 1 12 ? -11.013 5.326   3.271   1.00 0.00 ? 12 GLU A C    1 
ATOM 152 O O    . GLU A 1 12 ? -11.882 4.500   3.543   1.00 0.00 ? 12 GLU A O    1 
ATOM 153 C CB   . GLU A 1 12 ? -9.909  7.327   4.353   1.00 0.00 ? 12 GLU A CB   1 
ATOM 154 C CG   . GLU A 1 12 ? -9.292  7.881   5.643   1.00 0.00 ? 12 GLU A CG   1 
ATOM 155 C CD   . GLU A 1 12 ? -10.237 7.736   6.833   1.00 0.00 ? 12 GLU A CD   1 
ATOM 156 O OE1  . GLU A 1 12 ? -11.232 8.493   6.864   1.00 0.00 ? 12 GLU A OE1  1 
ATOM 157 O OE2  . GLU A 1 12 ? -9.950  6.872   7.690   1.00 0.00 ? 12 GLU A OE2  1 
ATOM 158 H H    . GLU A 1 12 ? -7.933  5.837   4.200   1.00 0.00 ? 12 GLU A H    1 
ATOM 159 H HA   . GLU A 1 12 ? -10.461 5.485   5.314   1.00 0.00 ? 12 GLU A HA   1 
ATOM 160 H HB2  . GLU A 1 12 ? -9.289  7.638   3.511   1.00 0.00 ? 12 GLU A HB2  1 
ATOM 161 H HB3  . GLU A 1 12 ? -10.897 7.769   4.228   1.00 0.00 ? 12 GLU A HB3  1 
ATOM 162 H HG2  . GLU A 1 12 ? -8.347  7.380   5.853   1.00 0.00 ? 12 GLU A HG2  1 
ATOM 163 H HG3  . GLU A 1 12 ? -9.090  8.943   5.500   1.00 0.00 ? 12 GLU A HG3  1 
ATOM 164 N N    . ARG A 1 13 ? -10.888 5.880   2.057   1.00 0.00 ? 13 ARG A N    1 
ATOM 165 C CA   . ARG A 1 13 ? -11.862 5.718   0.982   1.00 0.00 ? 13 ARG A CA   1 
ATOM 166 C C    . ARG A 1 13 ? -11.149 5.469   -0.347  1.00 0.00 ? 13 ARG A C    1 
ATOM 167 O O    . ARG A 1 13 ? -11.365 4.435   -0.978  1.00 0.00 ? 13 ARG A O    1 
ATOM 168 C CB   . ARG A 1 13 ? -12.734 6.980   0.896   1.00 0.00 ? 13 ARG A CB   1 
ATOM 169 C CG   . ARG A 1 13 ? -13.724 7.074   2.066   1.00 0.00 ? 13 ARG A CG   1 
ATOM 170 C CD   . ARG A 1 13 ? -14.398 8.450   2.118   1.00 0.00 ? 13 ARG A CD   1 
ATOM 171 N NE   . ARG A 1 13 ? -13.437 9.515   2.444   1.00 0.00 ? 13 ARG A NE   1 
ATOM 172 C CZ   . ARG A 1 13 ? -12.911 9.742   3.661   1.00 0.00 ? 13 ARG A CZ   1 
ATOM 173 N NH1  . ARG A 1 13 ? -13.283 9.016   4.724   1.00 0.00 ? 13 ARG A NH1  1 
ATOM 174 N NH2  . ARG A 1 13 ? -11.993 10.705  3.814   1.00 0.00 ? 13 ARG A NH2  1 
ATOM 175 H H    . ARG A 1 13 ? -10.124 6.518   1.897   1.00 0.00 ? 13 ARG A H    1 
ATOM 176 H HA   . ARG A 1 13 ? -12.514 4.863   1.170   1.00 0.00 ? 13 ARG A HA   1 
ATOM 177 H HB2  . ARG A 1 13 ? -12.086 7.858   0.884   1.00 0.00 ? 13 ARG A HB2  1 
ATOM 178 H HB3  . ARG A 1 13 ? -13.307 6.961   -0.033  1.00 0.00 ? 13 ARG A HB3  1 
ATOM 179 H HG2  . ARG A 1 13 ? -14.488 6.305   1.941   1.00 0.00 ? 13 ARG A HG2  1 
ATOM 180 H HG3  . ARG A 1 13 ? -13.216 6.899   3.012   1.00 0.00 ? 13 ARG A HG3  1 
ATOM 181 H HD2  . ARG A 1 13 ? -14.845 8.665   1.146   1.00 0.00 ? 13 ARG A HD2  1 
ATOM 182 H HD3  . ARG A 1 13 ? -15.196 8.435   2.861   1.00 0.00 ? 13 ARG A HD3  1 
ATOM 183 H HE   . ARG A 1 13 ? -13.139 10.099  1.676   1.00 0.00 ? 13 ARG A HE   1 
ATOM 184 H HH11 . ARG A 1 13 ? -13.980 8.291   4.624   1.00 0.00 ? 13 ARG A HH11 1 
ATOM 185 H HH12 . ARG A 1 13 ? -12.846 9.168   5.624   1.00 0.00 ? 13 ARG A HH12 1 
ATOM 186 H HH21 . ARG A 1 13 ? -11.702 11.262  3.023   1.00 0.00 ? 13 ARG A HH21 1 
ATOM 187 H HH22 . ARG A 1 13 ? -11.591 10.879  4.724   1.00 0.00 ? 13 ARG A HH22 1 
ATOM 188 N N    . ARG A 1 14 ? -10.312 6.423   -0.771  1.00 0.00 ? 14 ARG A N    1 
ATOM 189 C CA   . ARG A 1 14 ? -9.670  6.438   -2.080  1.00 0.00 ? 14 ARG A CA   1 
ATOM 190 C C    . ARG A 1 14 ? -8.416  5.556   -2.078  1.00 0.00 ? 14 ARG A C    1 
ATOM 191 O O    . ARG A 1 14 ? -7.325  6.011   -2.416  1.00 0.00 ? 14 ARG A O    1 
ATOM 192 C CB   . ARG A 1 14 ? -9.353  7.894   -2.456  1.00 0.00 ? 14 ARG A CB   1 
ATOM 193 C CG   . ARG A 1 14 ? -10.633 8.736   -2.545  1.00 0.00 ? 14 ARG A CG   1 
ATOM 194 C CD   . ARG A 1 14 ? -10.304 10.188  -2.905  1.00 0.00 ? 14 ARG A CD   1 
ATOM 195 N NE   . ARG A 1 14 ? -11.518 11.013  -2.954  1.00 0.00 ? 14 ARG A NE   1 
ATOM 196 C CZ   . ARG A 1 14 ? -12.166 11.513  -1.887  1.00 0.00 ? 14 ARG A CZ   1 
ATOM 197 N NH1  . ARG A 1 14 ? -11.732 11.282  -0.639  1.00 0.00 ? 14 ARG A NH1  1 
ATOM 198 N NH2  . ARG A 1 14 ? -13.265 12.256  -2.074  1.00 0.00 ? 14 ARG A NH2  1 
ATOM 199 H H    . ARG A 1 14 ? -10.163 7.226   -0.178  1.00 0.00 ? 14 ARG A H    1 
ATOM 200 H HA   . ARG A 1 14 ? -10.360 6.041   -2.826  1.00 0.00 ? 14 ARG A HA   1 
ATOM 201 H HB2  . ARG A 1 14 ? -8.691  8.326   -1.703  1.00 0.00 ? 14 ARG A HB2  1 
ATOM 202 H HB3  . ARG A 1 14 ? -8.848  7.924   -3.421  1.00 0.00 ? 14 ARG A HB3  1 
ATOM 203 H HG2  . ARG A 1 14 ? -11.289 8.316   -3.310  1.00 0.00 ? 14 ARG A HG2  1 
ATOM 204 H HG3  . ARG A 1 14 ? -11.157 8.721   -1.589  1.00 0.00 ? 14 ARG A HG3  1 
ATOM 205 H HD2  . ARG A 1 14 ? -9.599  10.602  -2.183  1.00 0.00 ? 14 ARG A HD2  1 
ATOM 206 H HD3  . ARG A 1 14 ? -9.835  10.209  -3.890  1.00 0.00 ? 14 ARG A HD3  1 
ATOM 207 H HE   . ARG A 1 14 ? -11.885 11.215  -3.873  1.00 0.00 ? 14 ARG A HE   1 
ATOM 208 H HH11 . ARG A 1 14 ? -10.908 10.719  -0.487  1.00 0.00 ? 14 ARG A HH11 1 
ATOM 209 H HH12 . ARG A 1 14 ? -12.224 11.675  0.150   1.00 0.00 ? 14 ARG A HH12 1 
ATOM 210 H HH21 . ARG A 1 14 ? -13.601 12.437  -3.008  1.00 0.00 ? 14 ARG A HH21 1 
ATOM 211 H HH22 . ARG A 1 14 ? -13.761 12.639  -1.281  1.00 0.00 ? 14 ARG A HH22 1 
ATOM 212 N N    . LYS A 1 15 ? -8.584  4.284   -1.698  1.00 0.00 ? 15 LYS A N    1 
ATOM 213 C CA   . LYS A 1 15 ? -7.507  3.329   -1.466  1.00 0.00 ? 15 LYS A CA   1 
ATOM 214 C C    . LYS A 1 15 ? -7.035  2.653   -2.758  1.00 0.00 ? 15 LYS A C    1 
ATOM 215 O O    . LYS A 1 15 ? -6.771  1.452   -2.782  1.00 0.00 ? 15 LYS A O    1 
ATOM 216 C CB   . LYS A 1 15 ? -7.964  2.325   -0.398  1.00 0.00 ? 15 LYS A CB   1 
ATOM 217 C CG   . LYS A 1 15 ? -9.145  1.440   -0.839  1.00 0.00 ? 15 LYS A CG   1 
ATOM 218 C CD   . LYS A 1 15 ? -9.736  0.639   0.327   1.00 0.00 ? 15 LYS A CD   1 
ATOM 219 C CE   . LYS A 1 15 ? -10.928 1.343   0.987   1.00 0.00 ? 15 LYS A CE   1 
ATOM 220 N NZ   . LYS A 1 15 ? -10.544 2.598   1.649   1.00 0.00 ? 15 LYS A NZ   1 
ATOM 221 H H    . LYS A 1 15 ? -9.523  3.982   -1.481  1.00 0.00 ? 15 LYS A H    1 
ATOM 222 H HA   . LYS A 1 15 ? -6.656  3.871   -1.050  1.00 0.00 ? 15 LYS A HA   1 
ATOM 223 H HB2  . LYS A 1 15 ? -7.118  1.689   -0.134  1.00 0.00 ? 15 LYS A HB2  1 
ATOM 224 H HB3  . LYS A 1 15 ? -8.236  2.901   0.483   1.00 0.00 ? 15 LYS A HB3  1 
ATOM 225 H HG2  . LYS A 1 15 ? -9.934  2.028   -1.305  1.00 0.00 ? 15 LYS A HG2  1 
ATOM 226 H HG3  . LYS A 1 15 ? -8.787  0.720   -1.575  1.00 0.00 ? 15 LYS A HG3  1 
ATOM 227 H HD2  . LYS A 1 15 ? -10.100 -0.312  -0.063  1.00 0.00 ? 15 LYS A HD2  1 
ATOM 228 H HD3  . LYS A 1 15 ? -8.959  0.431   1.065   1.00 0.00 ? 15 LYS A HD3  1 
ATOM 229 H HE2  . LYS A 1 15 ? -11.692 1.557   0.239   1.00 0.00 ? 15 LYS A HE2  1 
ATOM 230 H HE3  . LYS A 1 15 ? -11.359 0.682   1.736   1.00 0.00 ? 15 LYS A HE3  1 
ATOM 231 H HZ1  . LYS A 1 15 ? -9.825  2.419   2.339   1.00 0.00 ? 15 LYS A HZ1  1 
ATOM 232 H HZ2  . LYS A 1 15 ? -10.201 3.252   0.961   1.00 0.00 ? 15 LYS A HZ2  1 
ATOM 233 H HZ3  . LYS A 1 15 ? -11.349 2.997   2.113   1.00 0.00 ? 15 LYS A HZ3  1 
ATOM 234 N N    . HIS A 1 16 ? -6.912  3.434   -3.835  1.00 0.00 ? 16 HIS A N    1 
ATOM 235 C CA   . HIS A 1 16 ? -6.509  2.955   -5.150  1.00 0.00 ? 16 HIS A CA   1 
ATOM 236 C C    . HIS A 1 16 ? -5.141  2.273   -5.089  1.00 0.00 ? 16 HIS A C    1 
ATOM 237 O O    . HIS A 1 16 ? -4.938  1.234   -5.714  1.00 0.00 ? 16 HIS A O    1 
ATOM 238 C CB   . HIS A 1 16 ? -6.492  4.130   -6.133  1.00 0.00 ? 16 HIS A CB   1 
ATOM 239 C CG   . HIS A 1 16 ? -7.833  4.805   -6.271  1.00 0.00 ? 16 HIS A CG   1 
ATOM 240 N ND1  . HIS A 1 16 ? -8.218  5.878   -5.480  1.00 0.00 ? 16 HIS A ND1  1 
ATOM 241 C CD2  . HIS A 1 16 ? -8.902  4.567   -7.102  1.00 0.00 ? 16 HIS A CD2  1 
ATOM 242 C CE1  . HIS A 1 16 ? -9.459  6.228   -5.859  1.00 0.00 ? 16 HIS A CE1  1 
ATOM 243 N NE2  . HIS A 1 16 ? -9.933  5.465   -6.847  1.00 0.00 ? 16 HIS A NE2  1 
ATOM 244 H H    . HIS A 1 16 ? -7.100  4.421   -3.735  1.00 0.00 ? 16 HIS A H    1 
ATOM 245 H HA   . HIS A 1 16 ? -7.246  2.228   -5.496  1.00 0.00 ? 16 HIS A HA   1 
ATOM 246 H HB2  . HIS A 1 16 ? -5.759  4.869   -5.803  1.00 0.00 ? 16 HIS A HB2  1 
ATOM 247 H HB3  . HIS A 1 16 ? -6.190  3.764   -7.114  1.00 0.00 ? 16 HIS A HB3  1 
ATOM 248 H HD1  . HIS A 1 16 ? -7.670  6.311   -4.749  1.00 0.00 ? 16 HIS A HD1  1 
ATOM 249 H HD2  . HIS A 1 16 ? -8.936  3.790   -7.852  1.00 0.00 ? 16 HIS A HD2  1 
ATOM 250 H HE1  . HIS A 1 16 ? -10.017 7.039   -5.416  1.00 0.00 ? 16 HIS A HE1  1 
ATOM 251 N N    . LEU A 1 17 ? -4.210  2.864   -4.328  1.00 0.00 ? 17 LEU A N    1 
ATOM 252 C CA   . LEU A 1 17 ? -2.836  2.405   -4.219  1.00 0.00 ? 17 LEU A CA   1 
ATOM 253 C C    . LEU A 1 17 ? -2.650  1.483   -3.004  1.00 0.00 ? 17 LEU A C    1 
ATOM 254 O O    . LEU A 1 17 ? -1.636  1.578   -2.312  1.00 0.00 ? 17 LEU A O    1 
ATOM 255 C CB   . LEU A 1 17 ? -1.911  3.633   -4.158  1.00 0.00 ? 17 LEU A CB   1 
ATOM 256 C CG   . LEU A 1 17 ? -2.101  4.623   -5.322  1.00 0.00 ? 17 LEU A CG   1 
ATOM 257 C CD1  . LEU A 1 17 ? -1.117  5.785   -5.163  1.00 0.00 ? 17 LEU A CD1  1 
ATOM 258 C CD2  . LEU A 1 17 ? -1.881  3.960   -6.688  1.00 0.00 ? 17 LEU A CD2  1 
ATOM 259 H H    . LEU A 1 17 ? -4.459  3.703   -3.827  1.00 0.00 ? 17 LEU A H    1 
ATOM 260 H HA   . LEU A 1 17 ? -2.576  1.825   -5.104  1.00 0.00 ? 17 LEU A HA   1 
ATOM 261 H HB2  . LEU A 1 17 ? -2.095  4.162   -3.222  1.00 0.00 ? 17 LEU A HB2  1 
ATOM 262 H HB3  . LEU A 1 17 ? -0.876  3.297   -4.164  1.00 0.00 ? 17 LEU A HB3  1 
ATOM 263 H HG   . LEU A 1 17 ? -3.111  5.038   -5.292  1.00 0.00 ? 17 LEU A HG   1 
ATOM 264 H HD11 . LEU A 1 17 ? -1.264  6.266   -4.196  1.00 0.00 ? 17 LEU A HD11 1 
ATOM 265 H HD12 . LEU A 1 17 ? -0.092  5.420   -5.230  1.00 0.00 ? 17 LEU A HD12 1 
ATOM 266 H HD13 . LEU A 1 17 ? -1.284  6.522   -5.949  1.00 0.00 ? 17 LEU A HD13 1 
ATOM 267 H HD21 . LEU A 1 17 ? -0.909  3.466   -6.711  1.00 0.00 ? 17 LEU A HD21 1 
ATOM 268 H HD22 . LEU A 1 17 ? -2.664  3.229   -6.888  1.00 0.00 ? 17 LEU A HD22 1 
ATOM 269 H HD23 . LEU A 1 17 ? -1.914  4.716   -7.472  1.00 0.00 ? 17 LEU A HD23 1 
ATOM 270 N N    . PHE A 1 18 ? -3.614  0.585   -2.748  1.00 0.00 ? 18 PHE A N    1 
ATOM 271 C CA   . PHE A 1 18 ? -3.557  -0.403  -1.675  1.00 0.00 ? 18 PHE A CA   1 
ATOM 272 C C    . PHE A 1 18 ? -4.086  -1.752  -2.155  1.00 0.00 ? 18 PHE A C    1 
ATOM 273 O O    . PHE A 1 18 ? -4.834  -1.833  -3.129  1.00 0.00 ? 18 PHE A O    1 
ATOM 274 C CB   . PHE A 1 18 ? -4.378  0.040   -0.452  1.00 0.00 ? 18 PHE A CB   1 
ATOM 275 C CG   . PHE A 1 18 ? -3.831  1.219   0.329   1.00 0.00 ? 18 PHE A CG   1 
ATOM 276 C CD1  . PHE A 1 18 ? -4.035  2.523   -0.155  1.00 0.00 ? 18 PHE A CD1  1 
ATOM 277 C CD2  . PHE A 1 18 ? -3.141  1.021   1.544   1.00 0.00 ? 18 PHE A CD2  1 
ATOM 278 C CE1  . PHE A 1 18 ? -3.570  3.629   0.575   1.00 0.00 ? 18 PHE A CE1  1 
ATOM 279 C CE2  . PHE A 1 18 ? -2.663  2.132   2.265   1.00 0.00 ? 18 PHE A CE2  1 
ATOM 280 C CZ   . PHE A 1 18 ? -2.859  3.435   1.771   1.00 0.00 ? 18 PHE A CZ   1 
ATOM 281 H H    . PHE A 1 18 ? -4.421  0.549   -3.357  1.00 0.00 ? 18 PHE A H    1 
ATOM 282 H HA   . PHE A 1 18 ? -2.526  -0.555  -1.365  1.00 0.00 ? 18 PHE A HA   1 
ATOM 283 H HB2  . PHE A 1 18 ? -5.391  0.270   -0.781  1.00 0.00 ? 18 PHE A HB2  1 
ATOM 284 H HB3  . PHE A 1 18 ? -4.450  -0.802  0.238   1.00 0.00 ? 18 PHE A HB3  1 
ATOM 285 H HD1  . PHE A 1 18 ? -4.555  2.680   -1.087  1.00 0.00 ? 18 PHE A HD1  1 
ATOM 286 H HD2  . PHE A 1 18 ? -2.979  0.027   1.949   1.00 0.00 ? 18 PHE A HD2  1 
ATOM 287 H HE1  . PHE A 1 18 ? -3.776  4.626   0.213   1.00 0.00 ? 18 PHE A HE1  1 
ATOM 288 H HE2  . PHE A 1 18 ? -2.139  1.982   3.197   1.00 0.00 ? 18 PHE A HE2  1 
ATOM 289 H HZ   . PHE A 1 18 ? -2.471  4.285   2.316   1.00 0.00 ? 18 PHE A HZ   1 
ATOM 290 N N    . VAL A 1 19 ? -3.694  -2.800  -1.426  1.00 0.00 ? 19 VAL A N    1 
ATOM 291 C CA   . VAL A 1 19 ? -4.203  -4.159  -1.513  1.00 0.00 ? 19 VAL A CA   1 
ATOM 292 C C    . VAL A 1 19 ? -4.365  -4.676  -0.080  1.00 0.00 ? 19 VAL A C    1 
ATOM 293 O O    . VAL A 1 19 ? -3.706  -4.179  0.835   1.00 0.00 ? 19 VAL A O    1 
ATOM 294 C CB   . VAL A 1 19 ? -3.262  -5.050  -2.347  1.00 0.00 ? 19 VAL A CB   1 
ATOM 295 C CG1  . VAL A 1 19 ? -3.226  -4.601  -3.813  1.00 0.00 ? 19 VAL A CG1  1 
ATOM 296 C CG2  . VAL A 1 19 ? -1.830  -5.088  -1.793  1.00 0.00 ? 19 VAL A CG2  1 
ATOM 297 H H    . VAL A 1 19 ? -3.049  -2.630  -0.665  1.00 0.00 ? 19 VAL A H    1 
ATOM 298 H HA   . VAL A 1 19 ? -5.189  -4.149  -1.981  1.00 0.00 ? 19 VAL A HA   1 
ATOM 299 H HB   . VAL A 1 19 ? -3.659  -6.066  -2.326  1.00 0.00 ? 19 VAL A HB   1 
ATOM 300 H HG11 . VAL A 1 19 ? -4.239  -4.553  -4.211  1.00 0.00 ? 19 VAL A HG11 1 
ATOM 301 H HG12 . VAL A 1 19 ? -2.757  -3.622  -3.904  1.00 0.00 ? 19 VAL A HG12 1 
ATOM 302 H HG13 . VAL A 1 19 ? -2.653  -5.319  -4.400  1.00 0.00 ? 19 VAL A HG13 1 
ATOM 303 H HG21 . VAL A 1 19 ? -1.831  -5.443  -0.763  1.00 0.00 ? 19 VAL A HG21 1 
ATOM 304 H HG22 . VAL A 1 19 ? -1.228  -5.770  -2.393  1.00 0.00 ? 19 VAL A HG22 1 
ATOM 305 H HG23 . VAL A 1 19 ? -1.377  -4.097  -1.833  1.00 0.00 ? 19 VAL A HG23 1 
ATOM 306 N N    . GLN A 1 20 ? -5.246  -5.664  0.122   1.00 0.00 ? 20 GLN A N    1 
ATOM 307 C CA   . GLN A 1 20 ? -5.504  -6.258  1.426   1.00 0.00 ? 20 GLN A CA   1 
ATOM 308 C C    . GLN A 1 20 ? -5.673  -7.768  1.270   1.00 0.00 ? 20 GLN A C    1 
ATOM 309 O O    . GLN A 1 20 ? -6.389  -8.219  0.377   1.00 0.00 ? 20 GLN A O    1 
ATOM 310 C CB   . GLN A 1 20 ? -6.731  -5.598  2.069   1.00 0.00 ? 20 GLN A CB   1 
ATOM 311 C CG   . GLN A 1 20 ? -7.007  -6.154  3.473   1.00 0.00 ? 20 GLN A CG   1 
ATOM 312 C CD   . GLN A 1 20 ? -8.079  -5.346  4.197   1.00 0.00 ? 20 GLN A CD   1 
ATOM 313 O OE1  . GLN A 1 20 ? -7.793  -4.668  5.180   1.00 0.00 ? 20 GLN A OE1  1 
ATOM 314 N NE2  . GLN A 1 20 ? -9.322  -5.412  3.721   1.00 0.00 ? 20 GLN A NE2  1 
ATOM 315 H H    . GLN A 1 20 ? -5.757  -6.038  -0.666  1.00 0.00 ? 20 GLN A H    1 
ATOM 316 H HA   . GLN A 1 20 ? -4.646  -6.080  2.073   1.00 0.00 ? 20 GLN A HA   1 
ATOM 317 H HB2  . GLN A 1 20 ? -6.545  -4.526  2.150   1.00 0.00 ? 20 GLN A HB2  1 
ATOM 318 H HB3  . GLN A 1 20 ? -7.606  -5.755  1.436   1.00 0.00 ? 20 GLN A HB3  1 
ATOM 319 H HG2  . GLN A 1 20 ? -7.332  -7.192  3.400   1.00 0.00 ? 20 GLN A HG2  1 
ATOM 320 H HG3  . GLN A 1 20 ? -6.089  -6.112  4.059   1.00 0.00 ? 20 GLN A HG3  1 
ATOM 321 H HE21 . GLN A 1 20 ? -9.544  -6.042  2.965   1.00 0.00 ? 20 GLN A HE21 1 
ATOM 322 H HE22 . GLN A 1 20 ? -10.050 -4.866  4.158   1.00 0.00 ? 20 GLN A HE22 1 
ATOM 323 N N    . ASP A 1 21 ? -5.005  -8.539  2.136   1.00 0.00 ? 21 ASP A N    1 
ATOM 324 C CA   . ASP A 1 21 ? -5.010  -9.993  2.100   1.00 0.00 ? 21 ASP A CA   1 
ATOM 325 C C    . ASP A 1 21 ? -6.399  -10.522 2.484   1.00 0.00 ? 21 ASP A C    1 
ATOM 326 O O    . ASP A 1 21 ? -6.841  -10.266 3.603   1.00 0.00 ? 21 ASP A O    1 
ATOM 327 C CB   . ASP A 1 21 ? -3.941  -10.519 3.061   1.00 0.00 ? 21 ASP A CB   1 
ATOM 328 C CG   . ASP A 1 21 ? -3.914  -12.044 3.068   1.00 0.00 ? 21 ASP A CG   1 
ATOM 329 O OD1  . ASP A 1 21 ? -3.288  -12.611 2.147   1.00 0.00 ? 21 ASP A OD1  1 
ATOM 330 O OD2  . ASP A 1 21 ? -4.530  -12.615 3.992   1.00 0.00 ? 21 ASP A OD2  1 
ATOM 331 H H    . ASP A 1 21 ? -4.447  -8.090  2.852   1.00 0.00 ? 21 ASP A H    1 
ATOM 332 H HA   . ASP A 1 21 ? -4.720  -10.306 1.098   1.00 0.00 ? 21 ASP A HA   1 
ATOM 333 H HB2  . ASP A 1 21 ? -2.962  -10.148 2.753   1.00 0.00 ? 21 ASP A HB2  1 
ATOM 334 H HB3  . ASP A 1 21 ? -4.142  -10.156 4.071   1.00 0.00 ? 21 ASP A HB3  1 
ATOM 335 N N    . PRO A 1 22 ? -7.095  -11.259 1.599   1.00 0.00 ? 22 PRO A N    1 
ATOM 336 C CA   . PRO A 1 22 ? -8.464  -11.707 1.824   1.00 0.00 ? 22 PRO A CA   1 
ATOM 337 C C    . PRO A 1 22 ? -8.506  -12.993 2.663   1.00 0.00 ? 22 PRO A C    1 
ATOM 338 O O    . PRO A 1 22 ? -9.253  -13.919 2.349   1.00 0.00 ? 22 PRO A O    1 
ATOM 339 C CB   . PRO A 1 22 ? -9.026  -11.909 0.413   1.00 0.00 ? 22 PRO A CB   1 
ATOM 340 C CG   . PRO A 1 22 ? -7.811  -12.451 -0.338  1.00 0.00 ? 22 PRO A CG   1 
ATOM 341 C CD   . PRO A 1 22 ? -6.662  -11.638 0.261   1.00 0.00 ? 22 PRO A CD   1 
ATOM 342 H HA   . PRO A 1 22 ? -9.048  -10.939 2.333   1.00 0.00 ? 22 PRO A HA   1 
ATOM 343 H HB2  . PRO A 1 22 ? -9.886  -12.577 0.364   1.00 0.00 ? 22 PRO A HB2  1 
ATOM 344 H HB3  . PRO A 1 22 ? -9.295  -10.938 -0.005  1.00 0.00 ? 22 PRO A HB3  1 
ATOM 345 H HG2  . PRO A 1 22 ? -7.678  -13.508 -0.102  1.00 0.00 ? 22 PRO A HG2  1 
ATOM 346 H HG3  . PRO A 1 22 ? -7.897  -12.313 -1.416  1.00 0.00 ? 22 PRO A HG3  1 
ATOM 347 H HD2  . PRO A 1 22 ? -5.752  -12.238 0.289   1.00 0.00 ? 22 PRO A HD2  1 
ATOM 348 H HD3  . PRO A 1 22 ? -6.508  -10.745 -0.344  1.00 0.00 ? 22 PRO A HD3  1 
ATOM 349 N N    . GLN A 1 23 ? -7.714  -13.046 3.741   1.00 0.00 ? 23 GLN A N    1 
ATOM 350 C CA   . GLN A 1 23 ? -7.731  -14.101 4.744   1.00 0.00 ? 23 GLN A CA   1 
ATOM 351 C C    . GLN A 1 23 ? -7.479  -13.478 6.118   1.00 0.00 ? 23 GLN A C    1 
ATOM 352 O O    . GLN A 1 23 ? -8.269  -13.667 7.041   1.00 0.00 ? 23 GLN A O    1 
ATOM 353 C CB   . GLN A 1 23 ? -6.694  -15.192 4.436   1.00 0.00 ? 23 GLN A CB   1 
ATOM 354 C CG   . GLN A 1 23 ? -6.876  -15.796 3.041   1.00 0.00 ? 23 GLN A CG   1 
ATOM 355 C CD   . GLN A 1 23 ? -6.018  -17.042 2.858   1.00 0.00 ? 23 GLN A CD   1 
ATOM 356 O OE1  . GLN A 1 23 ? -6.536  -18.155 2.812   1.00 0.00 ? 23 GLN A OE1  1 
ATOM 357 N NE2  . GLN A 1 23 ? -4.700  -16.858 2.751   1.00 0.00 ? 23 GLN A NE2  1 
ATOM 358 H H    . GLN A 1 23 ? -7.120  -12.253 3.928   1.00 0.00 ? 23 GLN A H    1 
ATOM 359 H HA   . GLN A 1 23 ? -8.715  -14.570 4.764   1.00 0.00 ? 23 GLN A HA   1 
ATOM 360 H HB2  . GLN A 1 23 ? -5.684  -14.795 4.520   1.00 0.00 ? 23 GLN A HB2  1 
ATOM 361 H HB3  . GLN A 1 23 ? -6.811  -15.984 5.177   1.00 0.00 ? 23 GLN A HB3  1 
ATOM 362 H HG2  . GLN A 1 23 ? -7.922  -16.068 2.908   1.00 0.00 ? 23 GLN A HG2  1 
ATOM 363 H HG3  . GLN A 1 23 ? -6.604  -15.067 2.278   1.00 0.00 ? 23 GLN A HG3  1 
ATOM 364 H HE21 . GLN A 1 23 ? -4.314  -15.926 2.794   1.00 0.00 ? 23 GLN A HE21 1 
ATOM 365 H HE22 . GLN A 1 23 ? -4.094  -17.657 2.628   1.00 0.00 ? 23 GLN A HE22 1 
ATOM 366 N N    . THR A 1 24 ? -6.368  -12.738 6.235   1.00 0.00 ? 24 THR A N    1 
ATOM 367 C CA   . THR A 1 24 ? -5.889  -12.147 7.479   1.00 0.00 ? 24 THR A CA   1 
ATOM 368 C C    . THR A 1 24 ? -6.251  -10.662 7.599   1.00 0.00 ? 24 THR A C    1 
ATOM 369 O O    . THR A 1 24 ? -6.097  -10.098 8.679   1.00 0.00 ? 24 THR A O    1 
ATOM 370 C CB   . THR A 1 24 ? -4.366  -12.325 7.575   1.00 0.00 ? 24 THR A CB   1 
ATOM 371 O OG1  . THR A 1 24 ? -3.729  -11.655 6.507   1.00 0.00 ? 24 THR A OG1  1 
ATOM 372 C CG2  . THR A 1 24 ? -3.959  -13.802 7.565   1.00 0.00 ? 24 THR A CG2  1 
ATOM 373 H H    . THR A 1 24 ? -5.785  -12.619 5.418   1.00 0.00 ? 24 THR A H    1 
ATOM 374 H HA   . THR A 1 24 ? -6.334  -12.665 8.330   1.00 0.00 ? 24 THR A HA   1 
ATOM 375 H HB   . THR A 1 24 ? -4.021  -11.887 8.513   1.00 0.00 ? 24 THR A HB   1 
ATOM 376 H HG1  . THR A 1 24 ? -3.948  -12.103 5.686   1.00 0.00 ? 24 THR A HG1  1 
ATOM 377 H HG21 . THR A 1 24 ? -4.462  -14.329 8.377   1.00 0.00 ? 24 THR A HG21 1 
ATOM 378 H HG22 . THR A 1 24 ? -4.224  -14.271 6.616   1.00 0.00 ? 24 THR A HG22 1 
ATOM 379 H HG23 . THR A 1 24 ? -2.881  -13.881 7.706   1.00 0.00 ? 24 THR A HG23 1 
ATOM 380 N N    . CYS A 1 25 ? -6.711  -10.028 6.509   1.00 0.00 ? 25 CYS A N    1 
ATOM 381 C CA   . CYS A 1 25 ? -7.066  -8.613  6.451   1.00 0.00 ? 25 CYS A CA   1 
ATOM 382 C C    . CYS A 1 25 ? -5.857  -7.696  6.673   1.00 0.00 ? 25 CYS A C    1 
ATOM 383 O O    . CYS A 1 25 ? -6.024  -6.540  7.057   1.00 0.00 ? 25 CYS A O    1 
ATOM 384 C CB   . CYS A 1 25 ? -8.216  -8.290  7.420   1.00 0.00 ? 25 CYS A CB   1 
ATOM 385 S SG   . CYS A 1 25 ? -9.698  -9.315  7.235   1.00 0.00 ? 25 CYS A SG   1 
ATOM 386 H H    . CYS A 1 25 ? -6.811  -10.544 5.645   1.00 0.00 ? 25 CYS A H    1 
ATOM 387 H HA   . CYS A 1 25 ? -7.430  -8.409  5.444   1.00 0.00 ? 25 CYS A HA   1 
ATOM 388 H HB2  . CYS A 1 25 ? -7.875  -8.370  8.451   1.00 0.00 ? 25 CYS A HB2  1 
ATOM 389 H HB3  . CYS A 1 25 ? -8.520  -7.256  7.256   1.00 0.00 ? 25 CYS A HB3  1 
ATOM 390 N N    . LYS A 1 26 ? -4.640  -8.196  6.421   1.00 0.00 ? 26 LYS A N    1 
ATOM 391 C CA   . LYS A 1 26 ? -3.422  -7.405  6.509   1.00 0.00 ? 26 LYS A CA   1 
ATOM 392 C C    . LYS A 1 26 ? -3.328  -6.507  5.277   1.00 0.00 ? 26 LYS A C    1 
ATOM 393 O O    . LYS A 1 26 ? -3.518  -6.982  4.157   1.00 0.00 ? 26 LYS A O    1 
ATOM 394 C CB   . LYS A 1 26 ? -2.202  -8.330  6.603   1.00 0.00 ? 26 LYS A CB   1 
ATOM 395 C CG   . LYS A 1 26 ? -2.162  -9.057  7.954   1.00 0.00 ? 26 LYS A CG   1 
ATOM 396 C CD   . LYS A 1 26 ? -1.077  -10.141 7.998   1.00 0.00 ? 26 LYS A CD   1 
ATOM 397 C CE   . LYS A 1 26 ? 0.333   -9.565  7.835   1.00 0.00 ? 26 LYS A CE   1 
ATOM 398 N NZ   . LYS A 1 26 ? 1.359   -10.605 8.022   1.00 0.00 ? 26 LYS A NZ   1 
ATOM 399 H H    . LYS A 1 26 ? -4.553  -9.155  6.116   1.00 0.00 ? 26 LYS A H    1 
ATOM 400 H HA   . LYS A 1 26 ? -3.453  -6.787  7.409   1.00 0.00 ? 26 LYS A HA   1 
ATOM 401 H HB2  . LYS A 1 26 ? -2.232  -9.055  5.790   1.00 0.00 ? 26 LYS A HB2  1 
ATOM 402 H HB3  . LYS A 1 26 ? -1.302  -7.721  6.502   1.00 0.00 ? 26 LYS A HB3  1 
ATOM 403 H HG2  . LYS A 1 26 ? -1.986  -8.334  8.750   1.00 0.00 ? 26 LYS A HG2  1 
ATOM 404 H HG3  . LYS A 1 26 ? -3.123  -9.538  8.137   1.00 0.00 ? 26 LYS A HG3  1 
ATOM 405 H HD2  . LYS A 1 26 ? -1.142  -10.648 8.961   1.00 0.00 ? 26 LYS A HD2  1 
ATOM 406 H HD3  . LYS A 1 26 ? -1.258  -10.873 7.210   1.00 0.00 ? 26 LYS A HD3  1 
ATOM 407 H HE2  . LYS A 1 26 ? 0.454   -9.146  6.836   1.00 0.00 ? 26 LYS A HE2  1 
ATOM 408 H HE3  . LYS A 1 26 ? 0.494   -8.779  8.574   1.00 0.00 ? 26 LYS A HE3  1 
ATOM 409 H HZ1  . LYS A 1 26 ? 1.228   -11.334 7.336   1.00 0.00 ? 26 LYS A HZ1  1 
ATOM 410 H HZ2  . LYS A 1 26 ? 2.276   -10.197 7.910   1.00 0.00 ? 26 LYS A HZ2  1 
ATOM 411 H HZ3  . LYS A 1 26 ? 1.276   -10.997 8.950   1.00 0.00 ? 26 LYS A HZ3  1 
ATOM 412 N N    . CYS A 1 27 ? -3.035  -5.218  5.486   1.00 0.00 ? 27 CYS A N    1 
ATOM 413 C CA   . CYS A 1 27 ? -3.019  -4.207  4.436   1.00 0.00 ? 27 CYS A CA   1 
ATOM 414 C C    . CYS A 1 27 ? -1.586  -3.974  3.979   1.00 0.00 ? 27 CYS A C    1 
ATOM 415 O O    . CYS A 1 27 ? -0.665  -3.986  4.795   1.00 0.00 ? 27 CYS A O    1 
ATOM 416 C CB   . CYS A 1 27 ? -3.556  -2.875  4.973   1.00 0.00 ? 27 CYS A CB   1 
ATOM 417 S SG   . CYS A 1 27 ? -5.146  -2.937  5.833   1.00 0.00 ? 27 CYS A SG   1 
ATOM 418 H H    . CYS A 1 27 ? -2.864  -4.905  6.430   1.00 0.00 ? 27 CYS A H    1 
ATOM 419 H HA   . CYS A 1 27 ? -3.647  -4.517  3.601   1.00 0.00 ? 27 CYS A HA   1 
ATOM 420 H HB2  . CYS A 1 27 ? -2.827  -2.471  5.675   1.00 0.00 ? 27 CYS A HB2  1 
ATOM 421 H HB3  . CYS A 1 27 ? -3.632  -2.171  4.143   1.00 0.00 ? 27 CYS A HB3  1 
ATOM 422 N N    . SER A 1 28 ? -1.403  -3.750  2.675   1.00 0.00 ? 28 SER A N    1 
ATOM 423 C CA   . SER A 1 28 ? -0.142  -3.294  2.114   1.00 0.00 ? 28 SER A CA   1 
ATOM 424 C C    . SER A 1 28 ? -0.424  -2.282  1.012   1.00 0.00 ? 28 SER A C    1 
ATOM 425 O O    . SER A 1 28 ? -1.424  -2.394  0.306   1.00 0.00 ? 28 SER A O    1 
ATOM 426 C CB   . SER A 1 28 ? 0.667   -4.479  1.576   1.00 0.00 ? 28 SER A CB   1 
ATOM 427 O OG   . SER A 1 28 ? 1.026   -5.351  2.627   1.00 0.00 ? 28 SER A OG   1 
ATOM 428 H H    . SER A 1 28 ? -2.198  -3.791  2.048   1.00 0.00 ? 28 SER A H    1 
ATOM 429 H HA   . SER A 1 28 ? 0.430   -2.775  2.884   1.00 0.00 ? 28 SER A HA   1 
ATOM 430 H HB2  . SER A 1 28 ? 0.077   -5.020  0.837   1.00 0.00 ? 28 SER A HB2  1 
ATOM 431 H HB3  . SER A 1 28 ? 1.578   -4.114  1.101   1.00 0.00 ? 28 SER A HB3  1 
ATOM 432 H HG   . SER A 1 28 ? 0.236   -5.579  3.124   1.00 0.00 ? 28 SER A HG   1 
ATOM 433 N N    . CYS A 1 29 ? 0.468   -1.301  0.857   1.00 0.00 ? 29 CYS A N    1 
ATOM 434 C CA   . CYS A 1 29 ? 0.408   -0.382  -0.265  1.00 0.00 ? 29 CYS A CA   1 
ATOM 435 C C    . CYS A 1 29 ? 0.811   -1.105  -1.548  1.00 0.00 ? 29 CYS A C    1 
ATOM 436 O O    . CYS A 1 29 ? 1.759   -1.889  -1.560  1.00 0.00 ? 29 CYS A O    1 
ATOM 437 C CB   . CYS A 1 29 ? 1.273   0.853   -0.021  1.00 0.00 ? 29 CYS A CB   1 
ATOM 438 S SG   . CYS A 1 29 ? 0.440   2.079   1.011   1.00 0.00 ? 29 CYS A SG   1 
ATOM 439 H H    . CYS A 1 29 ? 1.248   -1.240  1.493   1.00 0.00 ? 29 CYS A H    1 
ATOM 440 H HA   . CYS A 1 29 ? -0.617  -0.029  -0.367  1.00 0.00 ? 29 CYS A HA   1 
ATOM 441 H HB2  . CYS A 1 29 ? 2.234   0.579   0.415   1.00 0.00 ? 29 CYS A HB2  1 
ATOM 442 H HB3  . CYS A 1 29 ? 1.458   1.330   -0.984  1.00 0.00 ? 29 CYS A HB3  1 
ATOM 443 N N    . LYS A 1 30 ? 0.075   -0.822  -2.626  1.00 0.00 ? 30 LYS A N    1 
ATOM 444 C CA   . LYS A 1 30 ? 0.315   -1.355  -3.959  1.00 0.00 ? 30 LYS A CA   1 
ATOM 445 C C    . LYS A 1 30 ? 1.691   -0.915  -4.472  1.00 0.00 ? 30 LYS A C    1 
ATOM 446 O O    . LYS A 1 30 ? 2.371   -1.672  -5.161  1.00 0.00 ? 30 LYS A O    1 
ATOM 447 C CB   . LYS A 1 30 ? -0.818  -0.867  -4.868  1.00 0.00 ? 30 LYS A CB   1 
ATOM 448 C CG   . LYS A 1 30 ? -0.814  -1.539  -6.243  1.00 0.00 ? 30 LYS A CG   1 
ATOM 449 C CD   . LYS A 1 30 ? -2.032  -1.052  -7.040  1.00 0.00 ? 30 LYS A CD   1 
ATOM 450 C CE   . LYS A 1 30 ? -2.075  -1.662  -8.444  1.00 0.00 ? 30 LYS A CE   1 
ATOM 451 N NZ   . LYS A 1 30 ? -2.261  -3.122  -8.407  1.00 0.00 ? 30 LYS A NZ   1 
ATOM 452 H H    . LYS A 1 30 ? -0.678  -0.153  -2.526  1.00 0.00 ? 30 LYS A H    1 
ATOM 453 H HA   . LYS A 1 30 ? 0.281   -2.445  -3.907  1.00 0.00 ? 30 LYS A HA   1 
ATOM 454 H HB2  . LYS A 1 30 ? -1.770  -1.092  -4.386  1.00 0.00 ? 30 LYS A HB2  1 
ATOM 455 H HB3  . LYS A 1 30 ? -0.737  0.214   -4.994  1.00 0.00 ? 30 LYS A HB3  1 
ATOM 456 H HG2  . LYS A 1 30 ? 0.099   -1.283  -6.780  1.00 0.00 ? 30 LYS A HG2  1 
ATOM 457 H HG3  . LYS A 1 30 ? -0.862  -2.620  -6.109  1.00 0.00 ? 30 LYS A HG3  1 
ATOM 458 H HD2  . LYS A 1 30 ? -2.950  -1.311  -6.507  1.00 0.00 ? 30 LYS A HD2  1 
ATOM 459 H HD3  . LYS A 1 30 ? -1.981  0.033   -7.137  1.00 0.00 ? 30 LYS A HD3  1 
ATOM 460 H HE2  . LYS A 1 30 ? -2.910  -1.222  -8.991  1.00 0.00 ? 30 LYS A HE2  1 
ATOM 461 H HE3  . LYS A 1 30 ? -1.150  -1.430  -8.973  1.00 0.00 ? 30 LYS A HE3  1 
ATOM 462 H HZ1  . LYS A 1 30 ? -3.117  -3.342  -7.917  1.00 0.00 ? 30 LYS A HZ1  1 
ATOM 463 H HZ2  . LYS A 1 30 ? -2.314  -3.478  -9.351  1.00 0.00 ? 30 LYS A HZ2  1 
ATOM 464 H HZ3  . LYS A 1 30 ? -1.480  -3.552  -7.932  1.00 0.00 ? 30 LYS A HZ3  1 
ATOM 465 N N    . ASN A 1 31 ? 2.091   0.313   -4.119  1.00 0.00 ? 31 ASN A N    1 
ATOM 466 C CA   . ASN A 1 31 ? 3.367   0.919   -4.454  1.00 0.00 ? 31 ASN A CA   1 
ATOM 467 C C    . ASN A 1 31 ? 4.271   0.823   -3.228  1.00 0.00 ? 31 ASN A C    1 
ATOM 468 O O    . ASN A 1 31 ? 3.992   1.459   -2.212  1.00 0.00 ? 31 ASN A O    1 
ATOM 469 C CB   . ASN A 1 31 ? 3.121   2.380   -4.842  1.00 0.00 ? 31 ASN A CB   1 
ATOM 470 C CG   . ASN A 1 31 ? 4.412   3.153   -5.096  1.00 0.00 ? 31 ASN A CG   1 
ATOM 471 O OD1  . ASN A 1 31 ? 5.379   2.615   -5.634  1.00 0.00 ? 31 ASN A OD1  1 
ATOM 472 N ND2  . ASN A 1 31 ? 4.418   4.429   -4.712  1.00 0.00 ? 31 ASN A ND2  1 
ATOM 473 H H    . ASN A 1 31 ? 1.493   0.849   -3.509  1.00 0.00 ? 31 ASN A H    1 
ATOM 474 H HA   . ASN A 1 31 ? 3.820   0.402   -5.298  1.00 0.00 ? 31 ASN A HA   1 
ATOM 475 H HB2  . ASN A 1 31 ? 2.503   2.418   -5.741  1.00 0.00 ? 31 ASN A HB2  1 
ATOM 476 H HB3  . ASN A 1 31 ? 2.577   2.864   -4.030  1.00 0.00 ? 31 ASN A HB3  1 
ATOM 477 H HD21 . ASN A 1 31 ? 3.591   4.821   -4.279  1.00 0.00 ? 31 ASN A HD21 1 
ATOM 478 H HD22 . ASN A 1 31 ? 5.242   4.994   -4.842  1.00 0.00 ? 31 ASN A HD22 1 
ATOM 479 N N    . THR A 1 32 ? 5.342   0.028   -3.324  1.00 0.00 ? 32 THR A N    1 
ATOM 480 C CA   . THR A 1 32 ? 6.283   -0.192  -2.235  1.00 0.00 ? 32 THR A CA   1 
ATOM 481 C C    . THR A 1 32 ? 7.533   0.670   -2.423  1.00 0.00 ? 32 THR A C    1 
ATOM 482 O O    . THR A 1 32 ? 7.827   1.133   -3.526  1.00 0.00 ? 32 THR A O    1 
ATOM 483 C CB   . THR A 1 32 ? 6.644   -1.682  -2.131  1.00 0.00 ? 32 THR A CB   1 
ATOM 484 O OG1  . THR A 1 32 ? 7.275   -2.131  -3.309  1.00 0.00 ? 32 THR A OG1  1 
ATOM 485 C CG2  . THR A 1 32 ? 5.404   -2.541  -1.863  1.00 0.00 ? 32 THR A CG2  1 
ATOM 486 H H    . THR A 1 32 ? 5.519   -0.450  -4.196  1.00 0.00 ? 32 THR A H    1 
ATOM 487 H HA   . THR A 1 32 ? 5.821   0.090   -1.286  1.00 0.00 ? 32 THR A HA   1 
ATOM 488 H HB   . THR A 1 32 ? 7.338   -1.818  -1.299  1.00 0.00 ? 32 THR A HB   1 
ATOM 489 H HG1  . THR A 1 32 ? 6.616   -2.195  -4.005  1.00 0.00 ? 32 THR A HG1  1 
ATOM 490 H HG21 . THR A 1 32 ? 4.905   -2.197  -0.956  1.00 0.00 ? 32 THR A HG21 1 
ATOM 491 H HG22 . THR A 1 32 ? 4.707   -2.481  -2.700  1.00 0.00 ? 32 THR A HG22 1 
ATOM 492 H HG23 . THR A 1 32 ? 5.708   -3.579  -1.731  1.00 0.00 ? 32 THR A HG23 1 
ATOM 493 N N    . ASP A 1 33 ? 8.275   0.867   -1.326  1.00 0.00 ? 33 ASP A N    1 
ATOM 494 C CA   . ASP A 1 33 ? 9.526   1.611   -1.315  1.00 0.00 ? 33 ASP A CA   1 
ATOM 495 C C    . ASP A 1 33 ? 10.577  0.965   -2.214  1.00 0.00 ? 33 ASP A C    1 
ATOM 496 O O    . ASP A 1 33 ? 11.444  1.663   -2.727  1.00 0.00 ? 33 ASP A O    1 
ATOM 497 C CB   . ASP A 1 33 ? 10.036  1.742   0.123   1.00 0.00 ? 33 ASP A CB   1 
ATOM 498 C CG   . ASP A 1 33 ? 11.194  2.734   0.213   1.00 0.00 ? 33 ASP A CG   1 
ATOM 499 O OD1  . ASP A 1 33 ? 10.900  3.949   0.229   1.00 0.00 ? 33 ASP A OD1  1 
ATOM 500 O OD2  . ASP A 1 33 ? 12.350  2.260   0.261   1.00 0.00 ? 33 ASP A OD2  1 
ATOM 501 H H    . ASP A 1 33 ? 7.966   0.464   -0.454  1.00 0.00 ? 33 ASP A H    1 
ATOM 502 H HA   . ASP A 1 33 ? 9.334   2.607   -1.710  1.00 0.00 ? 33 ASP A HA   1 
ATOM 503 H HB2  . ASP A 1 33 ? 9.221   2.093   0.754   1.00 0.00 ? 33 ASP A HB2  1 
ATOM 504 H HB3  . ASP A 1 33 ? 10.357  0.765   0.488   1.00 0.00 ? 33 ASP A HB3  1 
ATOM 505 N N    . SER A 1 34 ? 10.495  -0.354  -2.416  1.00 0.00 ? 34 SER A N    1 
ATOM 506 C CA   . SER A 1 34 ? 11.333  -1.076  -3.361  1.00 0.00 ? 34 SER A CA   1 
ATOM 507 C C    . SER A 1 34 ? 11.226  -0.472  -4.765  1.00 0.00 ? 34 SER A C    1 
ATOM 508 O O    . SER A 1 34 ? 12.244  -0.259  -5.423  1.00 0.00 ? 34 SER A O    1 
ATOM 509 C CB   . SER A 1 34 ? 10.930  -2.552  -3.375  1.00 0.00 ? 34 SER A CB   1 
ATOM 510 O OG   . SER A 1 34 ? 10.972  -3.079  -2.064  1.00 0.00 ? 34 SER A OG   1 
ATOM 511 H H    . SER A 1 34 ? 9.793   -0.879  -1.915  1.00 0.00 ? 34 SER A H    1 
ATOM 512 H HA   . SER A 1 34 ? 12.369  -1.008  -3.024  1.00 0.00 ? 34 SER A HA   1 
ATOM 513 H HB2  . SER A 1 34 ? 9.918   -2.657  -3.769  1.00 0.00 ? 34 SER A HB2  1 
ATOM 514 H HB3  . SER A 1 34 ? 11.619  -3.106  -4.012  1.00 0.00 ? 34 SER A HB3  1 
ATOM 515 H HG   . SER A 1 34 ? 10.719  -4.004  -2.096  1.00 0.00 ? 34 SER A HG   1 
ATOM 516 N N    . ARG A 1 35 ? 9.997   -0.190  -5.222  1.00 0.00 ? 35 ARG A N    1 
ATOM 517 C CA   . ARG A 1 35 ? 9.772   0.387   -6.541  1.00 0.00 ? 35 ARG A CA   1 
ATOM 518 C C    . ARG A 1 35 ? 10.332  1.807   -6.612  1.00 0.00 ? 35 ARG A C    1 
ATOM 519 O O    . ARG A 1 35 ? 10.989  2.164   -7.588  1.00 0.00 ? 35 ARG A O    1 
ATOM 520 C CB   . ARG A 1 35 ? 8.285   0.402   -6.902  1.00 0.00 ? 35 ARG A CB   1 
ATOM 521 C CG   . ARG A 1 35 ? 7.564   -0.926  -6.647  1.00 0.00 ? 35 ARG A CG   1 
ATOM 522 C CD   . ARG A 1 35 ? 6.285   -1.012  -7.486  1.00 0.00 ? 35 ARG A CD   1 
ATOM 523 N NE   . ARG A 1 35 ? 5.492   0.222   -7.399  1.00 0.00 ? 35 ARG A NE   1 
ATOM 524 C CZ   . ARG A 1 35 ? 4.515   0.564   -8.255  1.00 0.00 ? 35 ARG A CZ   1 
ATOM 525 N NH1  . ARG A 1 35 ? 4.096   -0.288  -9.201  1.00 0.00 ? 35 ARG A NH1  1 
ATOM 526 N NH2  . ARG A 1 35 ? 3.956   1.777   -8.161  1.00 0.00 ? 35 ARG A NH2  1 
ATOM 527 H H    . ARG A 1 35 ? 9.195   -0.353  -4.628  1.00 0.00 ? 35 ARG A H    1 
ATOM 528 H HA   . ARG A 1 35 ? 10.286  -0.234  -7.278  1.00 0.00 ? 35 ARG A HA   1 
ATOM 529 H HB2  . ARG A 1 35 ? 7.783   1.189   -6.340  1.00 0.00 ? 35 ARG A HB2  1 
ATOM 530 H HB3  . ARG A 1 35 ? 8.220   0.627   -7.965  1.00 0.00 ? 35 ARG A HB3  1 
ATOM 531 H HG2  . ARG A 1 35 ? 8.213   -1.762  -6.910  1.00 0.00 ? 35 ARG A HG2  1 
ATOM 532 H HG3  . ARG A 1 35 ? 7.310   -0.987  -5.592  1.00 0.00 ? 35 ARG A HG3  1 
ATOM 533 H HD2  . ARG A 1 35 ? 6.576   -1.179  -8.525  1.00 0.00 ? 35 ARG A HD2  1 
ATOM 534 H HD3  . ARG A 1 35 ? 5.686   -1.858  -7.146  1.00 0.00 ? 35 ARG A HD3  1 
ATOM 535 H HE   . ARG A 1 35 ? 5.730   0.876   -6.664  1.00 0.00 ? 35 ARG A HE   1 
ATOM 536 H HH11 . ARG A 1 35 ? 4.506   -1.209  -9.269  1.00 0.00 ? 35 ARG A HH11 1 
ATOM 537 H HH12 . ARG A 1 35 ? 3.363   -0.018  -9.841  1.00 0.00 ? 35 ARG A HH12 1 
ATOM 538 H HH21 . ARG A 1 35 ? 4.287   2.425   -7.460  1.00 0.00 ? 35 ARG A HH21 1 
ATOM 539 H HH22 . ARG A 1 35 ? 3.217   2.049   -8.793  1.00 0.00 ? 35 ARG A HH22 1 
ATOM 540 N N    . CYS A 1 36 ? 10.074  2.614   -5.575  1.00 0.00 ? 36 CYS A N    1 
ATOM 541 C CA   . CYS A 1 36 ? 10.594  3.971   -5.489  1.00 0.00 ? 36 CYS A CA   1 
ATOM 542 C C    . CYS A 1 36 ? 12.123  3.960   -5.555  1.00 0.00 ? 36 CYS A C    1 
ATOM 543 O O    . CYS A 1 36 ? 12.705  4.725   -6.316  1.00 0.00 ? 36 CYS A O    1 
ATOM 544 C CB   . CYS A 1 36 ? 10.095  4.664   -4.214  1.00 0.00 ? 36 CYS A CB   1 
ATOM 545 S SG   . CYS A 1 36 ? 8.299   4.815   -4.034  1.00 0.00 ? 36 CYS A SG   1 
ATOM 546 H H    . CYS A 1 36 ? 9.515   2.266   -4.808  1.00 0.00 ? 36 CYS A H    1 
ATOM 547 H HA   . CYS A 1 36 ? 10.229  4.531   -6.349  1.00 0.00 ? 36 CYS A HA   1 
ATOM 548 H HB2  . CYS A 1 36 ? 10.481  4.142   -3.340  1.00 0.00 ? 36 CYS A HB2  1 
ATOM 549 H HB3  . CYS A 1 36 ? 10.493  5.676   -4.204  1.00 0.00 ? 36 CYS A HB3  1 
ATOM 550 N N    . LYS A 1 37 ? 12.768  3.081   -4.780  1.00 0.00 ? 37 LYS A N    1 
ATOM 551 C CA   . LYS A 1 37 ? 14.215  2.922   -4.732  1.00 0.00 ? 37 LYS A CA   1 
ATOM 552 C C    . LYS A 1 37 ? 14.772  2.559   -6.110  1.00 0.00 ? 37 LYS A C    1 
ATOM 553 O O    . LYS A 1 37 ? 15.804  3.094   -6.513  1.00 0.00 ? 37 LYS A O    1 
ATOM 554 C CB   . LYS A 1 37 ? 14.566  1.868   -3.672  1.00 0.00 ? 37 LYS A CB   1 
ATOM 555 C CG   . LYS A 1 37 ? 16.081  1.692   -3.509  1.00 0.00 ? 37 LYS A CG   1 
ATOM 556 C CD   . LYS A 1 37 ? 16.431  0.831   -2.288  1.00 0.00 ? 37 LYS A CD   1 
ATOM 557 C CE   . LYS A 1 37 ? 15.867  -0.591  -2.394  1.00 0.00 ? 37 LYS A CE   1 
ATOM 558 N NZ   . LYS A 1 37 ? 16.342  -1.436  -1.286  1.00 0.00 ? 37 LYS A NZ   1 
ATOM 559 H H    . LYS A 1 37 ? 12.219  2.465   -4.199  1.00 0.00 ? 37 LYS A H    1 
ATOM 560 H HA   . LYS A 1 37 ? 14.652  3.872   -4.423  1.00 0.00 ? 37 LYS A HA   1 
ATOM 561 H HB2  . LYS A 1 37 ? 14.148  2.187   -2.716  1.00 0.00 ? 37 LYS A HB2  1 
ATOM 562 H HB3  . LYS A 1 37 ? 14.117  0.917   -3.955  1.00 0.00 ? 37 LYS A HB3  1 
ATOM 563 H HG2  . LYS A 1 37 ? 16.500  1.231   -4.405  1.00 0.00 ? 37 LYS A HG2  1 
ATOM 564 H HG3  . LYS A 1 37 ? 16.539  2.673   -3.376  1.00 0.00 ? 37 LYS A HG3  1 
ATOM 565 H HD2  . LYS A 1 37 ? 17.517  0.775   -2.212  1.00 0.00 ? 37 LYS A HD2  1 
ATOM 566 H HD3  . LYS A 1 37 ? 16.044  1.307   -1.386  1.00 0.00 ? 37 LYS A HD3  1 
ATOM 567 H HE2  . LYS A 1 37 ? 14.779  -0.565  -2.356  1.00 0.00 ? 37 LYS A HE2  1 
ATOM 568 H HE3  . LYS A 1 37 ? 16.183  -1.040  -3.337  1.00 0.00 ? 37 LYS A HE3  1 
ATOM 569 H HZ1  . LYS A 1 37 ? 16.046  -1.037  -0.407  1.00 0.00 ? 37 LYS A HZ1  1 
ATOM 570 H HZ2  . LYS A 1 37 ? 15.956  -2.364  -1.381  1.00 0.00 ? 37 LYS A HZ2  1 
ATOM 571 H HZ3  . LYS A 1 37 ? 17.351  -1.488  -1.309  1.00 0.00 ? 37 LYS A HZ3  1 
ATOM 572 N N    . ALA A 1 38 ? 14.085  1.669   -6.840  1.00 0.00 ? 38 ALA A N    1 
ATOM 573 C CA   . ALA A 1 38 ? 14.440  1.318   -8.210  1.00 0.00 ? 38 ALA A CA   1 
ATOM 574 C C    . ALA A 1 38 ? 14.372  2.526   -9.156  1.00 0.00 ? 38 ALA A C    1 
ATOM 575 O O    . ALA A 1 38 ? 15.068  2.537   -10.170 1.00 0.00 ? 38 ALA A O    1 
ATOM 576 C CB   . ALA A 1 38 ? 13.547  0.177   -8.706  1.00 0.00 ? 38 ALA A CB   1 
ATOM 577 H H    . ALA A 1 38 ? 13.260  1.239   -6.441  1.00 0.00 ? 38 ALA A H    1 
ATOM 578 H HA   . ALA A 1 38 ? 15.466  0.949   -8.208  1.00 0.00 ? 38 ALA A HA   1 
ATOM 579 H HB1  . ALA A 1 38 ? 13.614  -0.668  -8.020  1.00 0.00 ? 38 ALA A HB1  1 
ATOM 580 H HB2  . ALA A 1 38 ? 12.510  0.503   -8.773  1.00 0.00 ? 38 ALA A HB2  1 
ATOM 581 H HB3  . ALA A 1 38 ? 13.880  -0.143  -9.694  1.00 0.00 ? 38 ALA A HB3  1 
ATOM 582 N N    . ARG A 1 39 ? 13.560  3.540   -8.821  1.00 0.00 ? 39 ARG A N    1 
ATOM 583 C CA   . ARG A 1 39 ? 13.458  4.805   -9.543  1.00 0.00 ? 39 ARG A CA   1 
ATOM 584 C C    . ARG A 1 39 ? 14.263  5.928   -8.863  1.00 0.00 ? 39 ARG A C    1 
ATOM 585 O O    . ARG A 1 39 ? 14.141  7.083   -9.265  1.00 0.00 ? 39 ARG A O    1 
ATOM 586 C CB   . ARG A 1 39 ? 11.974  5.190   -9.668  1.00 0.00 ? 39 ARG A CB   1 
ATOM 587 C CG   . ARG A 1 39 ? 11.218  4.215   -10.579 1.00 0.00 ? 39 ARG A CG   1 
ATOM 588 C CD   . ARG A 1 39 ? 9.766   4.665   -10.785 1.00 0.00 ? 39 ARG A CD   1 
ATOM 589 N NE   . ARG A 1 39 ? 8.918   4.389   -9.615  1.00 0.00 ? 39 ARG A NE   1 
ATOM 590 C CZ   . ARG A 1 39 ? 8.233   3.248   -9.417  1.00 0.00 ? 39 ARG A CZ   1 
ATOM 591 N NH1  . ARG A 1 39 ? 8.436   2.178   -10.199 1.00 0.00 ? 39 ARG A NH1  1 
ATOM 592 N NH2  . ARG A 1 39 ? 7.330   3.177   -8.430  1.00 0.00 ? 39 ARG A NH2  1 
ATOM 593 H H    . ARG A 1 39 ? 12.997  3.454   -7.985  1.00 0.00 ? 39 ARG A H    1 
ATOM 594 H HA   . ARG A 1 39 ? 13.859  4.695   -10.552 1.00 0.00 ? 39 ARG A HA   1 
ATOM 595 H HB2  . ARG A 1 39 ? 11.510  5.210   -8.681  1.00 0.00 ? 39 ARG A HB2  1 
ATOM 596 H HB3  . ARG A 1 39 ? 11.901  6.185   -10.108 1.00 0.00 ? 39 ARG A HB3  1 
ATOM 597 H HG2  . ARG A 1 39 ? 11.710  4.202   -11.551 1.00 0.00 ? 39 ARG A HG2  1 
ATOM 598 H HG3  . ARG A 1 39 ? 11.237  3.206   -10.165 1.00 0.00 ? 39 ARG A HG3  1 
ATOM 599 H HD2  . ARG A 1 39 ? 9.744   5.736   -10.988 1.00 0.00 ? 39 ARG A HD2  1 
ATOM 600 H HD3  . ARG A 1 39 ? 9.359   4.160   -11.662 1.00 0.00 ? 39 ARG A HD3  1 
ATOM 601 H HE   . ARG A 1 39 ? 8.792   5.147   -8.958  1.00 0.00 ? 39 ARG A HE   1 
ATOM 602 H HH11 . ARG A 1 39 ? 9.130   2.212   -10.930 1.00 0.00 ? 39 ARG A HH11 1 
ATOM 603 H HH12 . ARG A 1 39 ? 7.901   1.334   -10.054 1.00 0.00 ? 39 ARG A HH12 1 
ATOM 604 H HH21 . ARG A 1 39 ? 7.148   3.981   -7.852  1.00 0.00 ? 39 ARG A HH21 1 
ATOM 605 H HH22 . ARG A 1 39 ? 6.809   2.325   -8.279  1.00 0.00 ? 39 ARG A HH22 1 
ATOM 606 N N    . GLN A 1 40 ? 15.084  5.607   -7.851  1.00 0.00 ? 40 GLN A N    1 
ATOM 607 C CA   . GLN A 1 40 ? 15.906  6.542   -7.086  1.00 0.00 ? 40 GLN A CA   1 
ATOM 608 C C    . GLN A 1 40 ? 15.034  7.598   -6.394  1.00 0.00 ? 40 GLN A C    1 
ATOM 609 O O    . GLN A 1 40 ? 15.279  8.799   -6.497  1.00 0.00 ? 40 GLN A O    1 
ATOM 610 C CB   . GLN A 1 40 ? 17.029  7.152   -7.948  1.00 0.00 ? 40 GLN A CB   1 
ATOM 611 C CG   . GLN A 1 40 ? 18.089  6.129   -8.383  1.00 0.00 ? 40 GLN A CG   1 
ATOM 612 C CD   . GLN A 1 40 ? 17.571  5.123   -9.410  1.00 0.00 ? 40 GLN A CD   1 
ATOM 613 O OE1  . GLN A 1 40 ? 17.409  5.457   -10.581 1.00 0.00 ? 40 GLN A OE1  1 
ATOM 614 N NE2  . GLN A 1 40 ? 17.304  3.889   -8.977  1.00 0.00 ? 40 GLN A NE2  1 
ATOM 615 H H    . GLN A 1 40 ? 15.148  4.636   -7.576  1.00 0.00 ? 40 GLN A H    1 
ATOM 616 H HA   . GLN A 1 40 ? 16.385  5.972   -6.289  1.00 0.00 ? 40 GLN A HA   1 
ATOM 617 H HB2  . GLN A 1 40 ? 16.618  7.654   -8.824  1.00 0.00 ? 40 GLN A HB2  1 
ATOM 618 H HB3  . GLN A 1 40 ? 17.549  7.898   -7.346  1.00 0.00 ? 40 GLN A HB3  1 
ATOM 619 H HG2  . GLN A 1 40 ? 18.915  6.673   -8.841  1.00 0.00 ? 40 GLN A HG2  1 
ATOM 620 H HG3  . GLN A 1 40 ? 18.474  5.606   -7.506  1.00 0.00 ? 40 GLN A HG3  1 
ATOM 621 H HE21 . GLN A 1 40 ? 17.413  3.652   -8.000  1.00 0.00 ? 40 GLN A HE21 1 
ATOM 622 H HE22 . GLN A 1 40 ? 16.924  3.211   -9.625  1.00 0.00 ? 40 GLN A HE22 1 
ATOM 623 N N    . LEU A 1 41 ? 14.013  7.115   -5.681  1.00 0.00 ? 41 LEU A N    1 
ATOM 624 C CA   . LEU A 1 41 ? 13.045  7.876   -4.907  1.00 0.00 ? 41 LEU A CA   1 
ATOM 625 C C    . LEU A 1 41 ? 12.779  7.107   -3.605  1.00 0.00 ? 41 LEU A C    1 
ATOM 626 O O    . LEU A 1 41 ? 13.291  6.002   -3.423  1.00 0.00 ? 41 LEU A O    1 
ATOM 627 C CB   . LEU A 1 41 ? 11.747  8.026   -5.723  1.00 0.00 ? 41 LEU A CB   1 
ATOM 628 C CG   . LEU A 1 41 ? 11.883  8.826   -7.031  1.00 0.00 ? 41 LEU A CG   1 
ATOM 629 C CD1  . LEU A 1 41 ? 10.595  8.691   -7.852  1.00 0.00 ? 41 LEU A CD1  1 
ATOM 630 C CD2  . LEU A 1 41 ? 12.149  10.314  -6.778  1.00 0.00 ? 41 LEU A CD2  1 
ATOM 631 H H    . LEU A 1 41 ? 13.889  6.110   -5.664  1.00 0.00 ? 41 LEU A H    1 
ATOM 632 H HA   . LEU A 1 41 ? 13.443  8.854   -4.644  1.00 0.00 ? 41 LEU A HA   1 
ATOM 633 H HB2  . LEU A 1 41 ? 11.396  7.027   -5.975  1.00 0.00 ? 41 LEU A HB2  1 
ATOM 634 H HB3  . LEU A 1 41 ? 10.987  8.505   -5.109  1.00 0.00 ? 41 LEU A HB3  1 
ATOM 635 H HG   . LEU A 1 41 ? 12.695  8.420   -7.628  1.00 0.00 ? 41 LEU A HG   1 
ATOM 636 H HD11 . LEU A 1 41 ? 10.383  7.639   -8.045  1.00 0.00 ? 41 LEU A HD11 1 
ATOM 637 H HD12 . LEU A 1 41 ? 9.759   9.135   -7.311  1.00 0.00 ? 41 LEU A HD12 1 
ATOM 638 H HD13 . LEU A 1 41 ? 10.713  9.205   -8.806  1.00 0.00 ? 41 LEU A HD13 1 
ATOM 639 H HD21 . LEU A 1 41 ? 11.337  10.745  -6.193  1.00 0.00 ? 41 LEU A HD21 1 
ATOM 640 H HD22 . LEU A 1 41 ? 13.088  10.448  -6.248  1.00 0.00 ? 41 LEU A HD22 1 
ATOM 641 H HD23 . LEU A 1 41 ? 12.215  10.839  -7.732  1.00 0.00 ? 41 LEU A HD23 1 
ATOM 642 N N    . GLU A 1 42 ? 11.971  7.679   -2.705  1.00 0.00 ? 42 GLU A N    1 
ATOM 643 C CA   . GLU A 1 42 ? 11.510  7.026   -1.482  1.00 0.00 ? 42 GLU A CA   1 
ATOM 644 C C    . GLU A 1 42 ? 9.993   7.175   -1.381  1.00 0.00 ? 42 GLU A C    1 
ATOM 645 O O    . GLU A 1 42 ? 9.427   8.109   -1.940  1.00 0.00 ? 42 GLU A O    1 
ATOM 646 C CB   . GLU A 1 42 ? 12.206  7.632   -0.257  1.00 0.00 ? 42 GLU A CB   1 
ATOM 647 C CG   . GLU A 1 42 ? 13.675  7.196   -0.184  1.00 0.00 ? 42 GLU A CG   1 
ATOM 648 C CD   . GLU A 1 42 ? 14.430  7.890   0.948   1.00 0.00 ? 42 GLU A CD   1 
ATOM 649 O OE1  . GLU A 1 42 ? 13.814  8.086   2.018   1.00 0.00 ? 42 GLU A OE1  1 
ATOM 650 O OE2  . GLU A 1 42 ? 15.618  8.208   0.723   1.00 0.00 ? 42 GLU A OE2  1 
ATOM 651 H H    . GLU A 1 42 ? 11.588  8.595   -2.907  1.00 0.00 ? 42 GLU A H    1 
ATOM 652 H HA   . GLU A 1 42 ? 11.729  5.958   -1.515  1.00 0.00 ? 42 GLU A HA   1 
ATOM 653 H HB2  . GLU A 1 42 ? 12.134  8.721   -0.300  1.00 0.00 ? 42 GLU A HB2  1 
ATOM 654 H HB3  . GLU A 1 42 ? 11.699  7.285   0.644   1.00 0.00 ? 42 GLU A HB3  1 
ATOM 655 H HG2  . GLU A 1 42 ? 13.720  6.118   -0.023  1.00 0.00 ? 42 GLU A HG2  1 
ATOM 656 H HG3  . GLU A 1 42 ? 14.175  7.422   -1.125  1.00 0.00 ? 42 GLU A HG3  1 
ATOM 657 N N    . LEU A 1 43 ? 9.335   6.246   -0.679  1.00 0.00 ? 43 LEU A N    1 
ATOM 658 C CA   . LEU A 1 43 ? 7.884   6.196   -0.560  1.00 0.00 ? 43 LEU A CA   1 
ATOM 659 C C    . LEU A 1 43 ? 7.395   7.144   0.535   1.00 0.00 ? 43 LEU A C    1 
ATOM 660 O O    . LEU A 1 43 ? 7.927   7.132   1.645   1.00 0.00 ? 43 LEU A O    1 
ATOM 661 C CB   . LEU A 1 43 ? 7.472   4.753   -0.232  1.00 0.00 ? 43 LEU A CB   1 
ATOM 662 C CG   . LEU A 1 43 ? 5.956   4.490   -0.262  1.00 0.00 ? 43 LEU A CG   1 
ATOM 663 C CD1  . LEU A 1 43 ? 5.430   4.455   -1.701  1.00 0.00 ? 43 LEU A CD1  1 
ATOM 664 C CD2  . LEU A 1 43 ? 5.662   3.140   0.399   1.00 0.00 ? 43 LEU A CD2  1 
ATOM 665 H H    . LEU A 1 43 ? 9.867   5.509   -0.232  1.00 0.00 ? 43 LEU A H    1 
ATOM 666 H HA   . LEU A 1 43 ? 7.447   6.479   -1.517  1.00 0.00 ? 43 LEU A HA   1 
ATOM 667 H HB2  . LEU A 1 43 ? 7.939   4.087   -0.952  1.00 0.00 ? 43 LEU A HB2  1 
ATOM 668 H HB3  . LEU A 1 43 ? 7.856   4.506   0.758   1.00 0.00 ? 43 LEU A HB3  1 
ATOM 669 H HG   . LEU A 1 43 ? 5.427   5.260   0.300   1.00 0.00 ? 43 LEU A HG   1 
ATOM 670 H HD11 . LEU A 1 43 ? 5.988   3.721   -2.284  1.00 0.00 ? 43 LEU A HD11 1 
ATOM 671 H HD12 . LEU A 1 43 ? 4.380   4.168   -1.702  1.00 0.00 ? 43 LEU A HD12 1 
ATOM 672 H HD13 . LEU A 1 43 ? 5.525   5.434   -2.166  1.00 0.00 ? 43 LEU A HD13 1 
ATOM 673 H HD21 . LEU A 1 43 ? 6.005   3.148   1.433   1.00 0.00 ? 43 LEU A HD21 1 
ATOM 674 H HD22 . LEU A 1 43 ? 4.589   2.946   0.387   1.00 0.00 ? 43 LEU A HD22 1 
ATOM 675 H HD23 . LEU A 1 43 ? 6.172   2.342   -0.140  1.00 0.00 ? 43 LEU A HD23 1 
ATOM 676 N N    . ASN A 1 44 ? 6.361   7.937   0.232   1.00 0.00 ? 44 ASN A N    1 
ATOM 677 C CA   . ASN A 1 44 ? 5.634   8.713   1.226   1.00 0.00 ? 44 ASN A CA   1 
ATOM 678 C C    . ASN A 1 44 ? 4.524   7.791   1.716   1.00 0.00 ? 44 ASN A C    1 
ATOM 679 O O    . ASN A 1 44 ? 3.517   7.638   1.036   1.00 0.00 ? 44 ASN A O    1 
ATOM 680 C CB   . ASN A 1 44 ? 5.052   9.991   0.600   1.00 0.00 ? 44 ASN A CB   1 
ATOM 681 C CG   . ASN A 1 44 ? 4.195   10.802  1.578   1.00 0.00 ? 44 ASN A CG   1 
ATOM 682 O OD1  . ASN A 1 44 ? 3.979   10.410  2.723   1.00 0.00 ? 44 ASN A OD1  1 
ATOM 683 N ND2  . ASN A 1 44 ? 3.695   11.950  1.119   1.00 0.00 ? 44 ASN A ND2  1 
ATOM 684 H H    . ASN A 1 44 ? 5.998   7.932   -0.712  1.00 0.00 ? 44 ASN A H    1 
ATOM 685 H HA   . ASN A 1 44 ? 6.286   9.002   2.052   1.00 0.00 ? 44 ASN A HA   1 
ATOM 686 H HB2  . ASN A 1 44 ? 5.871   10.624  0.264   1.00 0.00 ? 44 ASN A HB2  1 
ATOM 687 H HB3  . ASN A 1 44 ? 4.443   9.731   -0.267  1.00 0.00 ? 44 ASN A HB3  1 
ATOM 688 H HD21 . ASN A 1 44 ? 3.887   12.244  0.174   1.00 0.00 ? 44 ASN A HD21 1 
ATOM 689 H HD22 . ASN A 1 44 ? 3.127   12.525  1.726   1.00 0.00 ? 44 ASN A HD22 1 
ATOM 690 N N    . GLU A 1 45 ? 4.720   7.172   2.884   1.00 0.00 ? 45 GLU A N    1 
ATOM 691 C CA   . GLU A 1 45 ? 3.874   6.103   3.407   1.00 0.00 ? 45 GLU A CA   1 
ATOM 692 C C    . GLU A 1 45 ? 2.410   6.511   3.634   1.00 0.00 ? 45 GLU A C    1 
ATOM 693 O O    . GLU A 1 45 ? 1.570   5.637   3.843   1.00 0.00 ? 45 GLU A O    1 
ATOM 694 C CB   . GLU A 1 45 ? 4.488   5.556   4.704   1.00 0.00 ? 45 GLU A CB   1 
ATOM 695 C CG   . GLU A 1 45 ? 5.878   4.949   4.469   1.00 0.00 ? 45 GLU A CG   1 
ATOM 696 C CD   . GLU A 1 45 ? 6.443   4.358   5.756   1.00 0.00 ? 45 GLU A CD   1 
ATOM 697 O OE1  . GLU A 1 45 ? 7.037   5.142   6.529   1.00 0.00 ? 45 GLU A OE1  1 
ATOM 698 O OE2  . GLU A 1 45 ? 6.269   3.134   5.947   1.00 0.00 ? 45 GLU A OE2  1 
ATOM 699 H H    . GLU A 1 45 ? 5.555   7.395   3.403   1.00 0.00 ? 45 GLU A H    1 
ATOM 700 H HA   . GLU A 1 45 ? 3.871   5.293   2.675   1.00 0.00 ? 45 GLU A HA   1 
ATOM 701 H HB2  . GLU A 1 45 ? 4.558   6.359   5.440   1.00 0.00 ? 45 GLU A HB2  1 
ATOM 702 H HB3  . GLU A 1 45 ? 3.837   4.776   5.102   1.00 0.00 ? 45 GLU A HB3  1 
ATOM 703 H HG2  . GLU A 1 45 ? 5.802   4.161   3.720   1.00 0.00 ? 45 GLU A HG2  1 
ATOM 704 H HG3  . GLU A 1 45 ? 6.570   5.708   4.104   1.00 0.00 ? 45 GLU A HG3  1 
ATOM 705 N N    . ARG A 1 46 ? 2.091   7.811   3.589   1.00 0.00 ? 46 ARG A N    1 
ATOM 706 C CA   . ARG A 1 46 ? 0.747   8.311   3.836   1.00 0.00 ? 46 ARG A CA   1 
ATOM 707 C C    . ARG A 1 46 ? -0.120  8.118   2.591   1.00 0.00 ? 46 ARG A C    1 
ATOM 708 O O    . ARG A 1 46 ? -1.185  7.509   2.672   1.00 0.00 ? 46 ARG A O    1 
ATOM 709 C CB   . ARG A 1 46 ? 0.813   9.796   4.219   1.00 0.00 ? 46 ARG A CB   1 
ATOM 710 C CG   . ARG A 1 46 ? 1.642   10.019  5.490   1.00 0.00 ? 46 ARG A CG   1 
ATOM 711 C CD   . ARG A 1 46 ? 1.679   11.509  5.842   1.00 0.00 ? 46 ARG A CD   1 
ATOM 712 N NE   . ARG A 1 46 ? 2.525   11.761  7.015   1.00 0.00 ? 46 ARG A NE   1 
ATOM 713 C CZ   . ARG A 1 46 ? 2.164   11.563  8.294   1.00 0.00 ? 46 ARG A CZ   1 
ATOM 714 N NH1  . ARG A 1 46 ? 0.948   11.093  8.604   1.00 0.00 ? 46 ARG A NH1  1 
ATOM 715 N NH2  . ARG A 1 46 ? 3.033   11.842  9.275   1.00 0.00 ? 46 ARG A NH2  1 
ATOM 716 H H    . ARG A 1 46 ? 2.813   8.492   3.400   1.00 0.00 ? 46 ARG A H    1 
ATOM 717 H HA   . ARG A 1 46 ? 0.294   7.758   4.662   1.00 0.00 ? 46 ARG A HA   1 
ATOM 718 H HB2  . ARG A 1 46 ? 1.254   10.366  3.401   1.00 0.00 ? 46 ARG A HB2  1 
ATOM 719 H HB3  . ARG A 1 46 ? -0.201  10.159  4.390   1.00 0.00 ? 46 ARG A HB3  1 
ATOM 720 H HG2  . ARG A 1 46 ? 1.200   9.454   6.312   1.00 0.00 ? 46 ARG A HG2  1 
ATOM 721 H HG3  . ARG A 1 46 ? 2.664   9.675   5.336   1.00 0.00 ? 46 ARG A HG3  1 
ATOM 722 H HD2  . ARG A 1 46 ? 2.104   12.057  4.999   1.00 0.00 ? 46 ARG A HD2  1 
ATOM 723 H HD3  . ARG A 1 46 ? 0.669   11.881  6.016   1.00 0.00 ? 46 ARG A HD3  1 
ATOM 724 H HE   . ARG A 1 46 ? 3.454   12.114  6.830   1.00 0.00 ? 46 ARG A HE   1 
ATOM 725 H HH11 . ARG A 1 46 ? 0.288   10.874  7.873   1.00 0.00 ? 46 ARG A HH11 1 
ATOM 726 H HH12 . ARG A 1 46 ? 0.689   10.951  9.571   1.00 0.00 ? 46 ARG A HH12 1 
ATOM 727 H HH21 . ARG A 1 46 ? 3.952   12.196  9.052   1.00 0.00 ? 46 ARG A HH21 1 
ATOM 728 H HH22 . ARG A 1 46 ? 2.772   11.696  10.240  1.00 0.00 ? 46 ARG A HH22 1 
ATOM 729 N N    . THR A 1 47 ? 0.342   8.636   1.447   1.00 0.00 ? 47 THR A N    1 
ATOM 730 C CA   . THR A 1 47 ? -0.359  8.550   0.167   1.00 0.00 ? 47 THR A CA   1 
ATOM 731 C C    . THR A 1 47 ? 0.144   7.372   -0.680  1.00 0.00 ? 47 THR A C    1 
ATOM 732 O O    . THR A 1 47 ? -0.496  7.014   -1.666  1.00 0.00 ? 47 THR A O    1 
ATOM 733 C CB   . THR A 1 47 ? -0.232  9.888   -0.580  1.00 0.00 ? 47 THR A CB   1 
ATOM 734 O OG1  . THR A 1 47 ? -1.027  9.864   -1.746  1.00 0.00 ? 47 THR A OG1  1 
ATOM 735 C CG2  . THR A 1 47 ? 1.214   10.218  -0.965  1.00 0.00 ? 47 THR A CG2  1 
ATOM 736 H H    . THR A 1 47 ? 1.252   9.076   1.453   1.00 0.00 ? 47 THR A H    1 
ATOM 737 H HA   . THR A 1 47 ? -1.423  8.391   0.349   1.00 0.00 ? 47 THR A HA   1 
ATOM 738 H HB   . THR A 1 47 ? -0.606  10.686  0.063   1.00 0.00 ? 47 THR A HB   1 
ATOM 739 H HG1  . THR A 1 47 ? -0.921  9.009   -2.175  1.00 0.00 ? 47 THR A HG1  1 
ATOM 740 H HG21 . THR A 1 47 ? 1.837   10.283  -0.075  1.00 0.00 ? 47 THR A HG21 1 
ATOM 741 H HG22 . THR A 1 47 ? 1.614   9.451   -1.623  1.00 0.00 ? 47 THR A HG22 1 
ATOM 742 H HG23 . THR A 1 47 ? 1.244   11.178  -1.480  1.00 0.00 ? 47 THR A HG23 1 
ATOM 743 N N    . CYS A 1 48 ? 1.291   6.793   -0.305  1.00 0.00 ? 48 CYS A N    1 
ATOM 744 C CA   . CYS A 1 48 ? 2.002   5.740   -1.012  1.00 0.00 ? 48 CYS A CA   1 
ATOM 745 C C    . CYS A 1 48 ? 2.270   6.115   -2.469  1.00 0.00 ? 48 CYS A C    1 
ATOM 746 O O    . CYS A 1 48 ? 1.904   5.395   -3.396  1.00 0.00 ? 48 CYS A O    1 
ATOM 747 C CB   . CYS A 1 48 ? 1.315   4.390   -0.805  1.00 0.00 ? 48 CYS A CB   1 
ATOM 748 S SG   . CYS A 1 48 ? 1.582   3.762   0.873   1.00 0.00 ? 48 CYS A SG   1 
ATOM 749 H H    . CYS A 1 48 ? 1.753   7.141   0.523   1.00 0.00 ? 48 CYS A H    1 
ATOM 750 H HA   . CYS A 1 48 ? 2.983   5.655   -0.548  1.00 0.00 ? 48 CYS A HA   1 
ATOM 751 H HB2  . CYS A 1 48 ? 0.245   4.466   -1.007  1.00 0.00 ? 48 CYS A HB2  1 
ATOM 752 H HB3  . CYS A 1 48 ? 1.746   3.659   -1.490  1.00 0.00 ? 48 CYS A HB3  1 
ATOM 753 N N    . ARG A 1 49 ? 2.953   7.252   -2.641  1.00 0.00 ? 49 ARG A N    1 
ATOM 754 C CA   . ARG A 1 49 ? 3.515   7.722   -3.899  1.00 0.00 ? 49 ARG A CA   1 
ATOM 755 C C    . ARG A 1 49 ? 4.989   8.050   -3.656  1.00 0.00 ? 49 ARG A C    1 
ATOM 756 O O    . ARG A 1 49 ? 5.391   8.305   -2.520  1.00 0.00 ? 49 ARG A O    1 
ATOM 757 C CB   . ARG A 1 49 ? 2.739   8.939   -4.419  1.00 0.00 ? 49 ARG A CB   1 
ATOM 758 C CG   . ARG A 1 49 ? 1.332   8.534   -4.878  1.00 0.00 ? 49 ARG A CG   1 
ATOM 759 C CD   . ARG A 1 49 ? 0.551   9.741   -5.403  1.00 0.00 ? 49 ARG A CD   1 
ATOM 760 N NE   . ARG A 1 49 ? 0.124   10.615  -4.303  1.00 0.00 ? 49 ARG A NE   1 
ATOM 761 C CZ   . ARG A 1 49 ? -0.307  11.880  -4.432  1.00 0.00 ? 49 ARG A CZ   1 
ATOM 762 N NH1  . ARG A 1 49 ? -0.325  12.491  -5.625  1.00 0.00 ? 49 ARG A NH1  1 
ATOM 763 N NH2  . ARG A 1 49 ? -0.730  12.536  -3.344  1.00 0.00 ? 49 ARG A NH2  1 
ATOM 764 H H    . ARG A 1 49 ? 3.195   7.783   -1.816  1.00 0.00 ? 49 ARG A H    1 
ATOM 765 H HA   . ARG A 1 49 ? 3.466   6.940   -4.656  1.00 0.00 ? 49 ARG A HA   1 
ATOM 766 H HB2  . ARG A 1 49 ? 2.686   9.705   -3.645  1.00 0.00 ? 49 ARG A HB2  1 
ATOM 767 H HB3  . ARG A 1 49 ? 3.272   9.353   -5.277  1.00 0.00 ? 49 ARG A HB3  1 
ATOM 768 H HG2  . ARG A 1 49 ? 1.425   7.803   -5.684  1.00 0.00 ? 49 ARG A HG2  1 
ATOM 769 H HG3  . ARG A 1 49 ? 0.777   8.078   -4.057  1.00 0.00 ? 49 ARG A HG3  1 
ATOM 770 H HD2  . ARG A 1 49 ? 1.173   10.286  -6.114  1.00 0.00 ? 49 ARG A HD2  1 
ATOM 771 H HD3  . ARG A 1 49 ? -0.342  9.383   -5.917  1.00 0.00 ? 49 ARG A HD3  1 
ATOM 772 H HE   . ARG A 1 49 ? 0.101   10.205  -3.379  1.00 0.00 ? 49 ARG A HE   1 
ATOM 773 H HH11 . ARG A 1 49 ? -0.018  11.998  -6.451  1.00 0.00 ? 49 ARG A HH11 1 
ATOM 774 H HH12 . ARG A 1 49 ? -0.651  13.443  -5.703  1.00 0.00 ? 49 ARG A HH12 1 
ATOM 775 H HH21 . ARG A 1 49 ? -0.748  12.062  -2.450  1.00 0.00 ? 49 ARG A HH21 1 
ATOM 776 H HH22 . ARG A 1 49 ? -1.051  13.491  -3.414  1.00 0.00 ? 49 ARG A HH22 1 
ATOM 777 N N    . CYS A 1 50 ? 5.797   8.031   -4.722  1.00 0.00 ? 50 CYS A N    1 
ATOM 778 C CA   . CYS A 1 50 ? 7.241   8.173   -4.620  1.00 0.00 ? 50 CYS A CA   1 
ATOM 779 C C    . CYS A 1 50 ? 7.630   9.650   -4.690  1.00 0.00 ? 50 CYS A C    1 
ATOM 780 O O    . CYS A 1 50 ? 7.241   10.350  -5.625  1.00 0.00 ? 50 CYS A O    1 
ATOM 781 C CB   . CYS A 1 50 ? 7.927   7.387   -5.741  1.00 0.00 ? 50 CYS A CB   1 
ATOM 782 S SG   . CYS A 1 50 ? 7.609   5.606   -5.796  1.00 0.00 ? 50 CYS A SG   1 
ATOM 783 H H    . CYS A 1 50 ? 5.405   7.849   -5.634  1.00 0.00 ? 50 CYS A H    1 
ATOM 784 H HA   . CYS A 1 50 ? 7.576   7.747   -3.675  1.00 0.00 ? 50 CYS A HA   1 
ATOM 785 H HB2  . CYS A 1 50 ? 7.629   7.806   -6.702  1.00 0.00 ? 50 CYS A HB2  1 
ATOM 786 H HB3  . CYS A 1 50 ? 9.000   7.513   -5.629  1.00 0.00 ? 50 CYS A HB3  1 
ATOM 787 N N    . ASP A 1 51 ? 8.399   10.109  -3.696  1.00 0.00 ? 51 ASP A N    1 
ATOM 788 C CA   . ASP A 1 51 ? 8.905   11.469  -3.558  1.00 0.00 ? 51 ASP A CA   1 
ATOM 789 C C    . ASP A 1 51 ? 10.436  11.458  -3.504  1.00 0.00 ? 51 ASP A C    1 
ATOM 790 O O    . ASP A 1 51 ? 11.056  10.397  -3.475  1.00 0.00 ? 51 ASP A O    1 
ATOM 791 C CB   . ASP A 1 51 ? 8.296   12.116  -2.306  1.00 0.00 ? 51 ASP A CB   1 
ATOM 792 C CG   . ASP A 1 51 ? 8.791   11.469  -1.012  1.00 0.00 ? 51 ASP A CG   1 
ATOM 793 O OD1  . ASP A 1 51 ? 8.265   10.387  -0.674  1.00 0.00 ? 51 ASP A OD1  1 
ATOM 794 O OD2  . ASP A 1 51 ? 9.686   12.071  -0.379  1.00 0.00 ? 51 ASP A OD2  1 
ATOM 795 H H    . ASP A 1 51 ? 8.673   9.458   -2.975  1.00 0.00 ? 51 ASP A H    1 
ATOM 796 H HA   . ASP A 1 51 ? 8.605   12.066  -4.421  1.00 0.00 ? 51 ASP A HA   1 
ATOM 797 H HB2  . ASP A 1 51 ? 8.552   13.177  -2.289  1.00 0.00 ? 51 ASP A HB2  1 
ATOM 798 H HB3  . ASP A 1 51 ? 7.210   12.034  -2.352  1.00 0.00 ? 51 ASP A HB3  1 
ATOM 799 N N    . LYS A 1 52 ? 11.042  12.654  -3.491  1.00 0.00 ? 52 LYS A N    1 
ATOM 800 C CA   . LYS A 1 52 ? 12.491  12.841  -3.502  1.00 0.00 ? 52 LYS A CA   1 
ATOM 801 C C    . LYS A 1 52 ? 13.127  12.082  -2.327  1.00 0.00 ? 52 LYS A C    1 
ATOM 802 O O    . LYS A 1 52 ? 12.550  12.072  -1.242  1.00 0.00 ? 52 LYS A O    1 
ATOM 803 C CB   . LYS A 1 52 ? 12.826  14.341  -3.433  1.00 0.00 ? 52 LYS A CB   1 
ATOM 804 C CG   . LYS A 1 52 ? 12.220  15.125  -4.610  1.00 0.00 ? 52 LYS A CG   1 
ATOM 805 C CD   . LYS A 1 52 ? 12.556  16.624  -4.558  1.00 0.00 ? 52 LYS A CD   1 
ATOM 806 C CE   . LYS A 1 52 ? 13.736  17.020  -5.455  1.00 0.00 ? 52 LYS A CE   1 
ATOM 807 N NZ   . LYS A 1 52 ? 15.002  16.408  -5.023  1.00 0.00 ? 52 LYS A NZ   1 
ATOM 808 H H    . LYS A 1 52 ? 10.463  13.479  -3.472  1.00 0.00 ? 52 LYS A H    1 
ATOM 809 H HA   . LYS A 1 52 ? 12.853  12.452  -4.452  1.00 0.00 ? 52 LYS A HA   1 
ATOM 810 H HB2  . LYS A 1 52 ? 12.440  14.748  -2.497  1.00 0.00 ? 52 LYS A HB2  1 
ATOM 811 H HB3  . LYS A 1 52 ? 13.909  14.456  -3.437  1.00 0.00 ? 52 LYS A HB3  1 
ATOM 812 H HG2  . LYS A 1 52 ? 12.548  14.696  -5.558  1.00 0.00 ? 52 LYS A HG2  1 
ATOM 813 H HG3  . LYS A 1 52 ? 11.134  15.042  -4.560  1.00 0.00 ? 52 LYS A HG3  1 
ATOM 814 H HD2  . LYS A 1 52 ? 11.686  17.175  -4.919  1.00 0.00 ? 52 LYS A HD2  1 
ATOM 815 H HD3  . LYS A 1 52 ? 12.745  16.934  -3.529  1.00 0.00 ? 52 LYS A HD3  1 
ATOM 816 H HE2  . LYS A 1 52 ? 13.529  16.731  -6.486  1.00 0.00 ? 52 LYS A HE2  1 
ATOM 817 H HE3  . LYS A 1 52 ? 13.852  18.105  -5.416  1.00 0.00 ? 52 LYS A HE3  1 
ATOM 818 H HZ1  . LYS A 1 52 ? 15.197  16.678  -4.066  1.00 0.00 ? 52 LYS A HZ1  1 
ATOM 819 H HZ2  . LYS A 1 52 ? 14.931  15.401  -5.076  1.00 0.00 ? 52 LYS A HZ2  1 
ATOM 820 H HZ3  . LYS A 1 52 ? 15.755  16.725  -5.615  1.00 0.00 ? 52 LYS A HZ3  1 
ATOM 821 N N    . PRO A 1 53 ? 14.290  11.432  -2.519  1.00 0.00 ? 53 PRO A N    1 
ATOM 822 C CA   . PRO A 1 53 ? 14.862  10.533  -1.528  1.00 0.00 ? 53 PRO A CA   1 
ATOM 823 C C    . PRO A 1 53 ? 15.315  11.309  -0.287  1.00 0.00 ? 53 PRO A C    1 
ATOM 824 O O    . PRO A 1 53 ? 14.661  11.245  0.752   1.00 0.00 ? 53 PRO A O    1 
ATOM 825 C CB   . PRO A 1 53 ? 15.992  9.786   -2.247  1.00 0.00 ? 53 PRO A CB   1 
ATOM 826 C CG   . PRO A 1 53 ? 16.385  10.706  -3.404  1.00 0.00 ? 53 PRO A CG   1 
ATOM 827 C CD   . PRO A 1 53 ? 15.088  11.444  -3.735  1.00 0.00 ? 53 PRO A CD   1 
ATOM 828 H HA   . PRO A 1 53 ? 14.103  9.813   -1.226  1.00 0.00 ? 53 PRO A HA   1 
ATOM 829 H HB2  . PRO A 1 53 ? 16.835  9.552   -1.594  1.00 0.00 ? 53 PRO A HB2  1 
ATOM 830 H HB3  . PRO A 1 53 ? 15.588  8.863   -2.666  1.00 0.00 ? 53 PRO A HB3  1 
ATOM 831 H HG2  . PRO A 1 53 ? 17.142  11.420  -3.083  1.00 0.00 ? 53 PRO A HG2  1 
ATOM 832 H HG3  . PRO A 1 53 ? 16.760  10.141  -4.261  1.00 0.00 ? 53 PRO A HG3  1 
ATOM 833 H HD2  . PRO A 1 53 ? 15.306  12.460  -4.066  1.00 0.00 ? 53 PRO A HD2  1 
ATOM 834 H HD3  . PRO A 1 53 ? 14.565  10.900  -4.520  1.00 0.00 ? 53 PRO A HD3  1 
ATOM 835 N N    . ARG A 1 54 ? 16.421  12.050  -0.401  1.00 0.00 ? 54 ARG A N    1 
ATOM 836 C CA   . ARG A 1 54 ? 16.873  13.006  0.597   1.00 0.00 ? 54 ARG A CA   1 
ATOM 837 C C    . ARG A 1 54 ? 17.709  14.045  -0.146  1.00 0.00 ? 54 ARG A C    1 
ATOM 838 O O    . ARG A 1 54 ? 18.923  14.140  0.037   1.00 0.00 ? 54 ARG A O    1 
ATOM 839 C CB   . ARG A 1 54 ? 17.623  12.301  1.745   1.00 0.00 ? 54 ARG A CB   1 
ATOM 840 C CG   . ARG A 1 54 ? 17.549  13.052  3.087   1.00 0.00 ? 54 ARG A CG   1 
ATOM 841 C CD   . ARG A 1 54 ? 18.361  14.355  3.178   1.00 0.00 ? 54 ARG A CD   1 
ATOM 842 N NE   . ARG A 1 54 ? 17.788  15.457  2.392   1.00 0.00 ? 54 ARG A NE   1 
ATOM 843 C CZ   . ARG A 1 54 ? 16.666  16.139  2.676   1.00 0.00 ? 54 ARG A CZ   1 
ATOM 844 N NH1  . ARG A 1 54 ? 15.975  15.891  3.798   1.00 0.00 ? 54 ARG A NH1  1 
ATOM 845 N NH2  . ARG A 1 54 ? 16.228  17.077  1.826   1.00 0.00 ? 54 ARG A NH2  1 
ATOM 846 H H    . ARG A 1 54 ? 16.937  12.022  -1.266  1.00 0.00 ? 54 ARG A H    1 
ATOM 847 H HA   . ARG A 1 54 ? 15.997  13.507  1.013   1.00 0.00 ? 54 ARG A HA   1 
ATOM 848 H HB2  . ARG A 1 54 ? 17.142  11.337  1.919   1.00 0.00 ? 54 ARG A HB2  1 
ATOM 849 H HB3  . ARG A 1 54 ? 18.660  12.101  1.475   1.00 0.00 ? 54 ARG A HB3  1 
ATOM 850 H HG2  . ARG A 1 54 ? 16.506  13.240  3.338   1.00 0.00 ? 54 ARG A HG2  1 
ATOM 851 H HG3  . ARG A 1 54 ? 17.952  12.377  3.845   1.00 0.00 ? 54 ARG A HG3  1 
ATOM 852 H HD2  . ARG A 1 54 ? 18.423  14.663  4.222   1.00 0.00 ? 54 ARG A HD2  1 
ATOM 853 H HD3  . ARG A 1 54 ? 19.376  14.164  2.824   1.00 0.00 ? 54 ARG A HD3  1 
ATOM 854 H HE   . ARG A 1 54 ? 18.290  15.702  1.548   1.00 0.00 ? 54 ARG A HE   1 
ATOM 855 H HH11 . ARG A 1 54 ? 16.296  15.185  4.442   1.00 0.00 ? 54 ARG A HH11 1 
ATOM 856 H HH12 . ARG A 1 54 ? 15.132  16.409  3.999   1.00 0.00 ? 54 ARG A HH12 1 
ATOM 857 H HH21 . ARG A 1 54 ? 16.726  17.274  0.964   1.00 0.00 ? 54 ARG A HH21 1 
ATOM 858 H HH22 . ARG A 1 54 ? 15.387  17.594  2.033   1.00 0.00 ? 54 ARG A HH22 1 
ATOM 859 N N    . ARG A 1 55 ? 17.032  14.823  -0.996  1.00 0.00 ? 55 ARG A N    1 
ATOM 860 C CA   . ARG A 1 55 ? 17.611  15.911  -1.762  1.00 0.00 ? 55 ARG A CA   1 
ATOM 861 C C    . ARG A 1 55 ? 16.651  17.093  -1.661  1.00 0.00 ? 55 ARG A C    1 
ATOM 862 O O    . ARG A 1 55 ? 16.927  17.979  -0.824  1.00 0.00 ? 55 ARG A O    1 
ATOM 863 C CB   . ARG A 1 55 ? 17.830  15.476  -3.222  1.00 0.00 ? 55 ARG A CB   1 
ATOM 864 C CG   . ARG A 1 55 ? 18.917  14.409  -3.432  1.00 0.00 ? 55 ARG A CG   1 
ATOM 865 C CD   . ARG A 1 55 ? 20.335  14.975  -3.583  1.00 0.00 ? 55 ARG A CD   1 
ATOM 866 N NE   . ARG A 1 55 ? 20.861  15.538  -2.333  1.00 0.00 ? 55 ARG A NE   1 
ATOM 867 C CZ   . ARG A 1 55 ? 20.992  16.834  -2.000  1.00 0.00 ? 55 ARG A CZ   1 
ATOM 868 N NH1  . ARG A 1 55 ? 20.603  17.813  -2.830  1.00 0.00 ? 55 ARG A NH1  1 
ATOM 869 N NH2  . ARG A 1 55 ? 21.514  17.147  -0.808  1.00 0.00 ? 55 ARG A NH2  1 
ATOM 870 O OXT  . ARG A 1 55 ? 15.649  17.082  -2.411  1.00 0.00 ? 55 ARG A OXT  1 
ATOM 871 H H    . ARG A 1 55 ? 16.036  14.683  -1.086  1.00 0.00 ? 55 ARG A H    1 
ATOM 872 H HA   . ARG A 1 55 ? 18.551  16.223  -1.315  1.00 0.00 ? 55 ARG A HA   1 
ATOM 873 H HB2  . ARG A 1 55 ? 16.892  15.053  -3.582  1.00 0.00 ? 55 ARG A HB2  1 
ATOM 874 H HB3  . ARG A 1 55 ? 18.069  16.349  -3.830  1.00 0.00 ? 55 ARG A HB3  1 
ATOM 875 H HG2  . ARG A 1 55 ? 18.895  13.665  -2.636  1.00 0.00 ? 55 ARG A HG2  1 
ATOM 876 H HG3  . ARG A 1 55 ? 18.688  13.896  -4.368  1.00 0.00 ? 55 ARG A HG3  1 
ATOM 877 H HD2  . ARG A 1 55 ? 20.994  14.151  -3.860  1.00 0.00 ? 55 ARG A HD2  1 
ATOM 878 H HD3  . ARG A 1 55 ? 20.361  15.703  -4.394  1.00 0.00 ? 55 ARG A HD3  1 
ATOM 879 H HH11 . ARG A 1 55 ? 20.195  17.589  -3.725  1.00 0.00 ? 55 ARG A HH11 1 
ATOM 880 H HH12 . ARG A 1 55 ? 20.703  18.778  -2.553  1.00 0.00 ? 55 ARG A HH12 1 
ATOM 881 H HH21 . ARG A 1 55 ? 21.796  16.409  -0.179  1.00 0.00 ? 55 ARG A HH21 1 
ATOM 882 H HH22 . ARG A 1 55 ? 21.615  18.112  -0.533  1.00 0.00 ? 55 ARG A HH22 1 
# 
